data_4JUS
#
_entry.id   4JUS
#
_cell.length_a   183.592
_cell.length_b   31.176
_cell.length_c   152.149
_cell.angle_alpha   90.000
_cell.angle_beta   116.080
_cell.angle_gamma   90.000
#
_symmetry.space_group_name_H-M   'C 1 2 1'
#
loop_
_entity.id
_entity.type
_entity.pdbx_description
1 polymer 'Heat shock protein beta-6'
2 non-polymer GLYCEROL
3 water water
#
_entity_poly.entity_id   1
_entity_poly.type   'polypeptide(L)'
_entity_poly.pdbx_seq_one_letter_code
;APSVALPVAQVPTDPGHFSVLLDVKHFSPEEIAVKVVGEHVEVHARHEERPDEHGFVAREFHRRYRLPPGVDPAAVTSAL
SPEGVLSIQAAPASAQAPPPAAAK
;
_entity_poly.pdbx_strand_id   A,B,C,D,E,F,G,H
#
loop_
_chem_comp.id
_chem_comp.type
_chem_comp.name
_chem_comp.formula
GOL non-polymer GLYCEROL 'C3 H8 O3'
#
# COMPACT_ATOMS: atom_id res chain seq x y z
N SER A 3 37.40 -2.18 30.66
CA SER A 3 37.67 -0.99 31.46
C SER A 3 36.65 -0.76 32.59
N VAL A 4 36.42 0.51 32.92
CA VAL A 4 35.56 0.84 34.06
C VAL A 4 34.12 1.14 33.66
N ALA A 5 33.20 0.36 34.22
CA ALA A 5 31.79 0.55 33.99
C ALA A 5 31.34 1.93 34.47
N LEU A 6 30.72 2.69 33.56
CA LEU A 6 30.08 3.94 33.91
C LEU A 6 28.56 3.81 33.76
N PRO A 7 27.81 4.09 34.82
CA PRO A 7 26.35 4.01 34.70
C PRO A 7 25.82 5.00 33.67
N VAL A 8 24.78 4.60 32.95
CA VAL A 8 24.32 5.47 31.89
C VAL A 8 23.27 6.45 32.36
N ALA A 9 23.54 7.74 32.12
CA ALA A 9 22.63 8.82 32.47
C ALA A 9 21.21 8.66 31.89
N GLN A 10 20.21 8.59 32.78
CA GLN A 10 18.79 8.50 32.38
C GLN A 10 18.22 9.87 32.00
N VAL A 11 17.53 9.91 30.86
CA VAL A 11 16.99 11.18 30.35
C VAL A 11 15.48 11.09 30.08
N PHE A 18 7.95 17.14 21.68
CA PHE A 18 7.50 16.05 20.82
C PHE A 18 8.68 15.20 20.37
N SER A 19 8.55 13.90 20.54
CA SER A 19 9.63 12.98 20.27
C SER A 19 9.11 11.55 20.23
N VAL A 20 9.30 10.87 19.12
CA VAL A 20 8.88 9.49 19.03
C VAL A 20 10.00 8.61 18.52
N LEU A 21 9.93 7.34 18.90
CA LEU A 21 10.96 6.40 18.53
C LEU A 21 10.31 5.13 18.02
N LEU A 22 10.73 4.69 16.84
CA LEU A 22 10.13 3.54 16.20
C LEU A 22 11.19 2.55 15.75
N ASP A 23 10.99 1.29 16.09
CA ASP A 23 11.83 0.24 15.58
C ASP A 23 11.39 -0.15 14.17
N VAL A 24 12.17 0.26 13.17
CA VAL A 24 11.85 -0.09 11.78
C VAL A 24 13.00 -0.84 11.13
N LYS A 25 13.72 -1.64 11.91
CA LYS A 25 14.93 -2.31 11.43
C LYS A 25 14.67 -3.26 10.26
N HIS A 26 13.43 -3.71 10.10
CA HIS A 26 13.12 -4.64 9.03
C HIS A 26 12.78 -3.95 7.72
N PHE A 27 12.71 -2.63 7.75
CA PHE A 27 12.35 -1.89 6.55
C PHE A 27 13.59 -1.18 6.05
N SER A 28 13.83 -1.26 4.74
CA SER A 28 14.80 -0.38 4.11
C SER A 28 14.35 1.07 4.33
N PRO A 29 15.31 2.00 4.44
CA PRO A 29 15.02 3.44 4.56
C PRO A 29 14.08 3.96 3.47
N GLU A 30 14.13 3.34 2.29
CA GLU A 30 13.30 3.75 1.16
C GLU A 30 11.85 3.27 1.31
N GLU A 31 11.63 2.28 2.16
CA GLU A 31 10.30 1.72 2.38
C GLU A 31 9.53 2.46 3.48
N ILE A 32 10.02 3.64 3.86
CA ILE A 32 9.43 4.41 4.95
C ILE A 32 9.11 5.86 4.57
N ALA A 33 7.87 6.25 4.74
CA ALA A 33 7.47 7.60 4.43
C ALA A 33 6.92 8.31 5.67
N VAL A 34 7.42 9.52 5.89
CA VAL A 34 7.03 10.35 7.02
C VAL A 34 6.53 11.67 6.46
N LYS A 35 5.39 12.13 6.94
CA LYS A 35 4.85 13.41 6.51
C LYS A 35 3.95 14.07 7.57
N VAL A 36 3.92 15.39 7.57
CA VAL A 36 3.00 16.12 8.44
C VAL A 36 1.70 16.39 7.69
N VAL A 37 0.58 16.02 8.31
CA VAL A 37 -0.74 16.29 7.75
C VAL A 37 -1.54 17.13 8.75
N GLY A 38 -1.64 18.42 8.48
CA GLY A 38 -2.36 19.32 9.36
C GLY A 38 -1.67 19.36 10.69
N GLU A 39 -2.28 18.72 11.68
CA GLU A 39 -1.76 18.70 13.04
C GLU A 39 -1.15 17.33 13.38
N HIS A 40 -1.16 16.43 12.40
CA HIS A 40 -0.68 15.07 12.63
C HIS A 40 0.64 14.76 11.92
N VAL A 41 1.42 13.86 12.52
CA VAL A 41 2.58 13.27 11.86
C VAL A 41 2.25 11.84 11.48
N GLU A 42 2.49 11.47 10.24
CA GLU A 42 2.20 10.12 9.79
C GLU A 42 3.46 9.38 9.34
N VAL A 43 3.47 8.09 9.62
CA VAL A 43 4.57 7.24 9.28
C VAL A 43 3.98 6.03 8.62
N HIS A 44 4.48 5.73 7.41
CA HIS A 44 4.04 4.55 6.69
C HIS A 44 5.25 3.71 6.30
N ALA A 45 5.12 2.40 6.47
CA ALA A 45 6.23 1.54 6.17
C ALA A 45 5.67 0.29 5.59
N ARG A 46 6.35 -0.25 4.58
CA ARG A 46 5.84 -1.40 3.85
C ARG A 46 6.95 -2.09 3.08
N HIS A 47 6.92 -3.42 3.10
CA HIS A 47 7.82 -4.15 2.27
C HIS A 47 7.11 -5.41 1.79
N GLU A 48 7.47 -5.82 0.57
CA GLU A 48 6.90 -6.96 -0.10
C GLU A 48 7.49 -8.23 0.47
N GLU A 49 6.92 -9.36 0.09
CA GLU A 49 7.41 -10.65 0.57
C GLU A 49 8.91 -10.85 0.26
N ARG A 50 9.66 -11.19 1.29
CA ARG A 50 11.08 -11.46 1.15
C ARG A 50 11.46 -12.54 2.15
N PRO A 51 12.45 -13.36 1.81
CA PRO A 51 12.77 -14.44 2.74
C PRO A 51 13.40 -13.89 4.00
N ASP A 52 13.25 -14.61 5.11
CA ASP A 52 14.13 -14.43 6.24
C ASP A 52 14.44 -15.81 6.78
N GLU A 53 14.84 -15.86 8.04
CA GLU A 53 15.35 -17.08 8.65
C GLU A 53 14.26 -18.14 8.63
N HIS A 54 13.05 -17.71 8.94
CA HIS A 54 11.92 -18.59 9.20
C HIS A 54 11.19 -19.09 7.94
N GLY A 55 11.13 -18.26 6.92
CA GLY A 55 10.44 -18.57 5.67
C GLY A 55 10.33 -17.23 4.97
N PHE A 56 9.10 -16.79 4.71
CA PHE A 56 8.90 -15.56 3.95
C PHE A 56 7.96 -14.61 4.68
N VAL A 57 8.16 -13.30 4.50
CA VAL A 57 7.38 -12.34 5.25
C VAL A 57 7.24 -11.00 4.54
N ALA A 58 6.05 -10.43 4.63
CA ALA A 58 5.76 -9.08 4.15
C ALA A 58 5.15 -8.29 5.31
N ARG A 59 5.38 -6.98 5.34
CA ARG A 59 4.99 -6.17 6.49
C ARG A 59 4.48 -4.81 6.08
N GLU A 60 3.54 -4.29 6.85
CA GLU A 60 3.11 -2.94 6.65
C GLU A 60 2.51 -2.37 7.92
N PHE A 61 2.69 -1.08 8.12
CA PHE A 61 2.01 -0.37 9.16
C PHE A 61 1.89 1.10 8.80
N HIS A 62 0.97 1.75 9.50
CA HIS A 62 0.70 3.15 9.36
C HIS A 62 0.53 3.66 10.79
N ARG A 63 1.22 4.74 11.14
CA ARG A 63 1.06 5.35 12.44
C ARG A 63 0.76 6.83 12.32
N ARG A 64 -0.07 7.34 13.22
CA ARG A 64 -0.39 8.76 13.26
C ARG A 64 -0.19 9.31 14.67
N TYR A 65 0.44 10.46 14.77
CA TYR A 65 0.67 11.14 16.05
C TYR A 65 0.11 12.54 16.03
N ARG A 66 -0.54 12.94 17.11
CA ARG A 66 -0.97 14.32 17.24
C ARG A 66 0.21 15.16 17.74
N LEU A 67 0.50 16.25 17.05
CA LEU A 67 1.51 17.19 17.51
C LEU A 67 0.98 17.93 18.72
N PRO A 68 1.82 18.09 19.75
CA PRO A 68 1.41 18.87 20.92
C PRO A 68 1.21 20.33 20.51
N PRO A 69 0.40 21.08 21.26
CA PRO A 69 0.15 22.48 20.91
C PRO A 69 1.42 23.32 20.99
N GLY A 70 1.52 24.34 20.14
CA GLY A 70 2.70 25.19 20.12
C GLY A 70 3.89 24.50 19.49
N VAL A 71 3.64 23.79 18.39
CA VAL A 71 4.69 23.13 17.63
C VAL A 71 4.38 23.27 16.15
N ASP A 72 5.13 24.12 15.47
CA ASP A 72 4.92 24.36 14.04
C ASP A 72 5.29 23.11 13.26
N PRO A 73 4.36 22.63 12.42
CA PRO A 73 4.59 21.50 11.51
C PRO A 73 5.92 21.59 10.74
N ALA A 74 6.40 22.80 10.50
CA ALA A 74 7.64 23.02 9.75
C ALA A 74 8.86 22.65 10.59
N ALA A 75 8.66 22.54 11.90
CA ALA A 75 9.76 22.21 12.79
C ALA A 75 10.03 20.71 12.83
N VAL A 76 9.07 19.92 12.36
CA VAL A 76 9.15 18.47 12.44
C VAL A 76 10.25 17.88 11.55
N THR A 77 11.20 17.23 12.20
CA THR A 77 12.28 16.57 11.47
C THR A 77 12.33 15.09 11.87
N SER A 78 12.96 14.28 11.03
CA SER A 78 13.09 12.89 11.36
C SER A 78 14.44 12.32 10.93
N ALA A 79 14.87 11.27 11.62
CA ALA A 79 16.17 10.72 11.38
C ALA A 79 16.10 9.22 11.54
N LEU A 80 17.07 8.54 10.94
CA LEU A 80 17.09 7.10 11.04
C LEU A 80 18.50 6.65 11.39
N SER A 81 18.61 5.96 12.51
CA SER A 81 19.89 5.45 12.98
C SER A 81 20.27 4.21 12.15
N PRO A 82 21.57 3.95 11.99
CA PRO A 82 22.05 2.75 11.29
C PRO A 82 21.55 1.48 11.97
N GLU A 83 21.13 1.59 13.23
CA GLU A 83 20.60 0.44 13.95
C GLU A 83 19.12 0.22 13.68
N GLY A 84 18.53 1.09 12.86
CA GLY A 84 17.16 0.90 12.41
C GLY A 84 16.10 1.48 13.31
N VAL A 85 16.45 2.59 13.97
CA VAL A 85 15.50 3.28 14.82
C VAL A 85 15.13 4.61 14.19
N LEU A 86 13.83 4.79 13.97
CA LEU A 86 13.33 6.04 13.43
C LEU A 86 12.97 6.96 14.59
N SER A 87 13.45 8.20 14.50
CA SER A 87 13.11 9.19 15.48
C SER A 87 12.50 10.38 14.78
N ILE A 88 11.44 10.90 15.36
CA ILE A 88 10.77 12.08 14.84
C ILE A 88 10.67 13.10 15.95
N GLN A 89 11.22 14.29 15.72
CA GLN A 89 11.27 15.31 16.75
C GLN A 89 10.74 16.63 16.23
N ALA A 90 10.43 17.53 17.16
CA ALA A 90 9.87 18.82 16.83
C ALA A 90 10.19 19.84 17.94
N ALA A 91 10.64 21.03 17.53
CA ALA A 91 10.94 22.10 18.48
C ALA A 91 9.65 22.79 18.91
N PRO A 92 9.52 23.05 20.22
CA PRO A 92 8.43 23.90 20.72
C PRO A 92 8.83 25.38 20.75
N GLN B 10 15.13 -35.55 34.89
CA GLN B 10 15.93 -35.64 33.67
C GLN B 10 15.10 -36.13 32.47
N VAL B 11 15.10 -35.32 31.41
CA VAL B 11 14.31 -35.58 30.20
C VAL B 11 15.13 -35.26 28.95
N PRO B 12 15.22 -36.21 27.99
CA PRO B 12 16.02 -36.03 26.78
C PRO B 12 15.38 -35.05 25.79
N THR B 13 16.19 -34.19 25.16
CA THR B 13 15.65 -33.17 24.23
C THR B 13 16.01 -33.44 22.75
N ASP B 14 15.34 -34.44 22.16
CA ASP B 14 15.58 -34.87 20.78
C ASP B 14 14.88 -33.96 19.76
N PRO B 15 15.35 -33.95 18.50
CA PRO B 15 14.75 -33.09 17.47
C PRO B 15 13.35 -33.56 17.03
N GLY B 16 12.52 -32.62 16.57
CA GLY B 16 11.13 -32.89 16.28
C GLY B 16 10.57 -32.37 14.96
N HIS B 17 9.25 -32.25 14.91
CA HIS B 17 8.46 -31.97 13.70
C HIS B 17 8.18 -30.48 13.55
N PHE B 18 7.61 -30.08 12.42
CA PHE B 18 7.32 -28.66 12.16
C PHE B 18 6.51 -28.00 13.28
N SER B 19 6.96 -26.81 13.68
CA SER B 19 6.47 -26.16 14.87
C SER B 19 7.06 -24.76 14.96
N VAL B 20 6.21 -23.75 15.08
CA VAL B 20 6.67 -22.37 15.14
C VAL B 20 5.82 -21.58 16.14
N LEU B 21 6.35 -20.44 16.57
CA LEU B 21 5.63 -19.56 17.47
C LEU B 21 5.73 -18.16 16.93
N LEU B 22 4.65 -17.40 17.05
CA LEU B 22 4.61 -16.06 16.49
C LEU B 22 3.97 -15.08 17.44
N ASP B 23 4.66 -13.98 17.68
CA ASP B 23 4.10 -12.92 18.46
C ASP B 23 3.09 -12.20 17.58
N VAL B 24 1.82 -12.24 17.97
CA VAL B 24 0.78 -11.50 17.25
C VAL B 24 -0.11 -10.78 18.25
N LYS B 25 0.50 -10.34 19.34
CA LYS B 25 -0.26 -9.73 20.41
C LYS B 25 -1.13 -8.54 19.97
N HIS B 26 -0.72 -7.84 18.91
CA HIS B 26 -1.42 -6.61 18.55
C HIS B 26 -2.71 -6.89 17.78
N PHE B 27 -2.95 -8.16 17.48
CA PHE B 27 -4.08 -8.54 16.64
C PHE B 27 -4.99 -9.42 17.46
N SER B 28 -6.29 -9.24 17.27
CA SER B 28 -7.30 -10.08 17.92
C SER B 28 -7.49 -11.37 17.10
N PRO B 29 -8.10 -12.40 17.72
CA PRO B 29 -8.36 -13.65 16.99
C PRO B 29 -9.18 -13.46 15.71
N GLU B 30 -9.94 -12.39 15.62
CA GLU B 30 -10.72 -12.13 14.41
C GLU B 30 -9.90 -11.39 13.36
N GLU B 31 -8.60 -11.22 13.63
CA GLU B 31 -7.74 -10.45 12.73
C GLU B 31 -6.58 -11.29 12.23
N ILE B 32 -6.70 -12.60 12.44
CA ILE B 32 -5.65 -13.55 12.16
C ILE B 32 -6.20 -14.73 11.38
N ALA B 33 -5.62 -14.97 10.20
CA ALA B 33 -6.00 -16.13 9.40
C ALA B 33 -4.80 -17.05 9.15
N VAL B 34 -4.99 -18.33 9.40
CA VAL B 34 -3.97 -19.32 9.17
C VAL B 34 -4.51 -20.26 8.11
N LYS B 35 -3.71 -20.51 7.06
CA LYS B 35 -4.14 -21.43 6.02
C LYS B 35 -3.04 -22.26 5.36
N VAL B 36 -3.41 -23.45 4.93
CA VAL B 36 -2.50 -24.31 4.20
C VAL B 36 -2.78 -24.17 2.71
N VAL B 37 -1.78 -23.74 1.98
CA VAL B 37 -1.89 -23.60 0.53
C VAL B 37 -0.76 -24.39 -0.09
N GLY B 38 -1.10 -25.57 -0.61
CA GLY B 38 -0.11 -26.44 -1.22
C GLY B 38 0.87 -26.94 -0.18
N GLU B 39 2.15 -26.64 -0.38
CA GLU B 39 3.20 -27.06 0.54
C GLU B 39 3.51 -26.00 1.60
N HIS B 40 2.66 -24.97 1.68
CA HIS B 40 2.90 -23.86 2.60
C HIS B 40 1.80 -23.64 3.65
N VAL B 41 2.19 -23.30 4.87
CA VAL B 41 1.27 -22.66 5.80
C VAL B 41 1.43 -21.16 5.67
N GLU B 42 0.32 -20.45 5.56
CA GLU B 42 0.38 -19.01 5.55
C GLU B 42 -0.27 -18.42 6.81
N VAL B 43 0.17 -17.23 7.17
CA VAL B 43 -0.39 -16.51 8.28
C VAL B 43 -0.59 -15.10 7.81
N HIS B 44 -1.82 -14.61 7.96
CA HIS B 44 -2.16 -13.27 7.55
C HIS B 44 -2.82 -12.60 8.72
N ALA B 45 -2.31 -11.41 9.05
CA ALA B 45 -2.83 -10.64 10.16
C ALA B 45 -2.99 -9.21 9.70
N ARG B 46 -4.12 -8.62 10.07
CA ARG B 46 -4.41 -7.25 9.71
C ARG B 46 -5.37 -6.65 10.75
N HIS B 47 -5.13 -5.41 11.14
CA HIS B 47 -6.11 -4.67 11.89
C HIS B 47 -6.21 -3.24 11.37
N GLU B 48 -7.45 -2.74 11.34
CA GLU B 48 -7.74 -1.39 10.90
C GLU B 48 -7.18 -0.44 11.93
N GLU B 49 -7.08 0.83 11.55
CA GLU B 49 -6.57 1.85 12.45
C GLU B 49 -7.34 1.89 13.78
N ARG B 50 -6.63 1.97 14.88
CA ARG B 50 -7.24 2.08 16.18
C ARG B 50 -6.29 2.90 17.03
N PRO B 51 -6.80 3.62 18.02
CA PRO B 51 -5.92 4.39 18.91
C PRO B 51 -5.12 3.51 19.87
N ASP B 52 -3.90 3.95 20.21
CA ASP B 52 -3.15 3.29 21.27
C ASP B 52 -2.52 4.40 22.11
N GLU B 53 -1.50 4.09 22.89
CA GLU B 53 -0.91 5.06 23.82
C GLU B 53 -0.36 6.29 23.10
N HIS B 54 0.20 6.09 21.90
CA HIS B 54 0.95 7.14 21.23
C HIS B 54 0.12 7.99 20.26
N GLY B 55 -0.94 7.40 19.73
CA GLY B 55 -1.73 8.02 18.68
C GLY B 55 -2.52 6.93 17.98
N PHE B 56 -2.37 6.82 16.67
CA PHE B 56 -3.14 5.80 15.93
C PHE B 56 -2.23 4.89 15.14
N VAL B 57 -2.66 3.64 14.99
CA VAL B 57 -1.83 2.67 14.30
C VAL B 57 -2.68 1.63 13.54
N ALA B 58 -2.21 1.24 12.35
CA ALA B 58 -2.81 0.14 11.61
C ALA B 58 -1.71 -0.83 11.22
N ARG B 59 -1.96 -2.13 11.35
CA ARG B 59 -0.91 -3.10 11.09
C ARG B 59 -1.38 -4.23 10.21
N GLU B 60 -0.42 -4.76 9.44
CA GLU B 60 -0.64 -5.92 8.62
C GLU B 60 0.68 -6.68 8.44
N PHE B 61 0.62 -8.00 8.44
CA PHE B 61 1.74 -8.79 7.97
C PHE B 61 1.25 -10.11 7.35
N HIS B 62 2.13 -10.74 6.58
CA HIS B 62 1.88 -12.05 6.02
C HIS B 62 3.16 -12.87 6.16
N ARG B 63 3.00 -14.13 6.48
CA ARG B 63 4.14 -15.02 6.64
C ARG B 63 3.86 -16.34 5.99
N ARG B 64 4.87 -16.85 5.29
CA ARG B 64 4.77 -18.11 4.61
C ARG B 64 5.90 -19.00 5.09
N TYR B 65 5.57 -20.25 5.37
CA TYR B 65 6.54 -21.27 5.73
C TYR B 65 6.35 -22.47 4.81
N ARG B 66 7.45 -22.97 4.24
CA ARG B 66 7.37 -24.20 3.47
C ARG B 66 7.27 -25.39 4.40
N LEU B 67 6.27 -26.23 4.19
CA LEU B 67 6.13 -27.43 5.03
C LEU B 67 7.19 -28.43 4.60
N PRO B 68 7.91 -29.01 5.56
CA PRO B 68 8.96 -29.95 5.20
C PRO B 68 8.38 -31.20 4.55
N PRO B 69 9.17 -31.88 3.72
CA PRO B 69 8.71 -33.17 3.15
C PRO B 69 8.38 -34.13 4.28
N GLY B 70 7.38 -34.99 4.07
CA GLY B 70 7.02 -35.98 5.06
C GLY B 70 5.85 -35.52 5.91
N VAL B 71 5.60 -34.22 5.86
CA VAL B 71 4.58 -33.62 6.70
C VAL B 71 3.23 -33.57 5.99
N ASP B 72 2.21 -34.10 6.66
CA ASP B 72 0.82 -34.06 6.20
C ASP B 72 0.25 -32.66 6.35
N PRO B 73 -0.04 -32.01 5.22
CA PRO B 73 -0.65 -30.67 5.21
C PRO B 73 -2.06 -30.67 5.84
N ALA B 74 -2.63 -31.87 6.01
CA ALA B 74 -3.97 -32.02 6.55
C ALA B 74 -3.98 -32.21 8.06
N ALA B 75 -2.81 -32.19 8.70
CA ALA B 75 -2.76 -32.36 10.15
C ALA B 75 -2.08 -31.16 10.80
N VAL B 76 -2.09 -30.05 10.08
CA VAL B 76 -1.58 -28.78 10.56
C VAL B 76 -2.57 -28.18 11.55
N THR B 77 -2.14 -27.99 12.79
CA THR B 77 -2.97 -27.33 13.79
C THR B 77 -2.38 -26.00 14.24
N SER B 78 -3.22 -25.18 14.87
CA SER B 78 -2.79 -23.85 15.27
C SER B 78 -3.53 -23.44 16.51
N ALA B 79 -2.93 -22.57 17.31
CA ALA B 79 -3.51 -22.19 18.58
C ALA B 79 -2.98 -20.82 18.97
N LEU B 80 -3.80 -20.08 19.72
CA LEU B 80 -3.46 -18.72 20.12
C LEU B 80 -3.54 -18.66 21.62
N SER B 81 -2.50 -18.13 22.25
CA SER B 81 -2.46 -17.98 23.69
C SER B 81 -3.02 -16.60 24.04
N PRO B 82 -3.45 -16.44 25.31
CA PRO B 82 -3.95 -15.17 25.84
C PRO B 82 -2.95 -14.02 25.72
N GLU B 83 -1.67 -14.35 25.73
CA GLU B 83 -0.64 -13.33 25.65
C GLU B 83 -0.36 -12.89 24.20
N GLY B 84 -0.95 -13.60 23.24
CA GLY B 84 -0.82 -13.21 21.84
C GLY B 84 0.28 -13.99 21.16
N VAL B 85 0.41 -15.25 21.55
CA VAL B 85 1.40 -16.13 20.97
C VAL B 85 0.71 -17.15 20.10
N LEU B 86 1.01 -17.10 18.81
CA LEU B 86 0.44 -18.01 17.84
C LEU B 86 1.38 -19.20 17.65
N SER B 87 0.84 -20.40 17.72
CA SER B 87 1.63 -21.58 17.40
C SER B 87 1.01 -22.31 16.21
N ILE B 88 1.87 -22.86 15.35
CA ILE B 88 1.42 -23.75 14.30
C ILE B 88 2.27 -25.00 14.38
N GLN B 89 1.62 -26.15 14.39
CA GLN B 89 2.32 -27.41 14.43
C GLN B 89 1.89 -28.26 13.25
N ALA B 90 2.83 -29.05 12.72
CA ALA B 90 2.54 -30.00 11.67
C ALA B 90 3.20 -31.35 11.98
N ALA B 91 2.38 -32.34 12.31
CA ALA B 91 2.87 -33.70 12.53
C ALA B 91 3.38 -34.35 11.23
N PRO B 92 4.20 -35.40 11.33
CA PRO B 92 4.54 -36.12 10.10
C PRO B 92 3.43 -37.09 9.67
N ALA B 93 3.26 -37.25 8.37
CA ALA B 93 2.28 -38.17 7.81
C ALA B 93 2.40 -39.56 8.41
N SER B 94 1.27 -40.24 8.57
CA SER B 94 1.31 -41.64 9.01
C SER B 94 -0.01 -42.36 8.77
N ALA B 95 0.03 -43.69 8.81
CA ALA B 95 -1.12 -44.55 8.58
C ALA B 95 -2.29 -44.23 9.52
N GLN B 96 -3.46 -44.00 8.92
CA GLN B 96 -4.64 -43.61 9.68
C GLN B 96 -5.06 -44.68 10.69
N ALA B 97 -5.67 -44.24 11.79
CA ALA B 97 -6.07 -45.15 12.87
C ALA B 97 -7.31 -44.65 13.60
N PRO B 98 -7.89 -45.50 14.45
CA PRO B 98 -8.89 -45.00 15.40
C PRO B 98 -8.24 -44.18 16.52
N SER C 3 -36.96 -28.92 14.41
CA SER C 3 -35.74 -29.60 14.84
C SER C 3 -35.02 -28.85 15.97
N VAL C 4 -34.34 -29.60 16.84
CA VAL C 4 -33.74 -29.01 18.02
C VAL C 4 -32.25 -29.33 18.19
N ALA C 5 -31.45 -28.27 18.28
CA ALA C 5 -30.02 -28.36 18.54
C ALA C 5 -29.70 -29.37 19.63
N LEU C 6 -28.70 -30.19 19.39
CA LEU C 6 -28.23 -31.18 20.34
C LEU C 6 -26.81 -30.78 20.76
N PRO C 7 -26.49 -30.91 22.04
CA PRO C 7 -25.10 -30.64 22.44
C PRO C 7 -24.09 -31.57 21.78
N VAL C 8 -22.97 -31.00 21.34
CA VAL C 8 -21.84 -31.78 20.84
C VAL C 8 -20.62 -31.61 21.73
N ALA C 9 -20.16 -32.71 22.31
CA ALA C 9 -19.05 -32.66 23.21
C ALA C 9 -17.73 -32.71 22.45
N GLN C 10 -16.79 -31.87 22.87
CA GLN C 10 -15.39 -31.96 22.46
C GLN C 10 -14.61 -32.72 23.52
N VAL C 11 -14.16 -33.94 23.20
CA VAL C 11 -13.37 -34.73 24.12
C VAL C 11 -11.92 -34.84 23.61
N PRO C 12 -10.93 -34.56 24.49
CA PRO C 12 -9.53 -34.70 24.10
C PRO C 12 -8.99 -36.11 24.40
N HIS C 17 -3.97 -34.32 30.20
CA HIS C 17 -2.86 -34.22 29.25
C HIS C 17 -2.07 -32.93 29.46
N PHE C 18 -0.74 -33.05 29.42
CA PHE C 18 0.14 -31.89 29.59
C PHE C 18 1.02 -31.66 28.37
N SER C 19 1.06 -30.42 27.91
CA SER C 19 1.86 -30.03 26.74
C SER C 19 2.16 -28.53 26.70
N VAL C 20 3.43 -28.17 26.61
CA VAL C 20 3.81 -26.76 26.54
C VAL C 20 4.85 -26.50 25.45
N LEU C 21 4.89 -25.26 24.98
CA LEU C 21 5.78 -24.88 23.89
C LEU C 21 6.59 -23.66 24.27
N LEU C 22 7.87 -23.68 23.92
CA LEU C 22 8.74 -22.57 24.26
C LEU C 22 9.58 -22.14 23.09
N ASP C 23 9.66 -20.83 22.89
CA ASP C 23 10.48 -20.31 21.81
C ASP C 23 11.95 -20.38 22.22
N VAL C 24 12.73 -21.20 21.53
CA VAL C 24 14.15 -21.32 21.84
C VAL C 24 15.00 -21.21 20.59
N LYS C 25 14.67 -20.24 19.73
CA LYS C 25 15.43 -20.07 18.50
C LYS C 25 16.90 -19.68 18.74
N HIS C 26 17.78 -20.29 17.94
CA HIS C 26 19.24 -20.19 18.05
C HIS C 26 19.84 -21.02 19.18
N PHE C 27 19.01 -21.48 20.11
CA PHE C 27 19.52 -22.29 21.22
C PHE C 27 20.05 -23.62 20.72
N SER C 28 21.21 -24.01 21.22
CA SER C 28 21.75 -25.34 20.96
C SER C 28 21.06 -26.26 21.96
N PRO C 29 20.90 -27.54 21.59
CA PRO C 29 20.29 -28.53 22.50
C PRO C 29 21.14 -28.71 23.75
N GLU C 30 22.42 -28.36 23.61
CA GLU C 30 23.35 -28.40 24.74
C GLU C 30 23.14 -27.20 25.66
N GLU C 31 22.44 -26.18 25.16
CA GLU C 31 22.12 -24.99 25.95
C GLU C 31 20.78 -25.11 26.68
N ILE C 32 20.14 -26.26 26.57
CA ILE C 32 18.85 -26.47 27.21
C ILE C 32 18.87 -27.74 28.05
N ALA C 33 18.38 -27.63 29.28
CA ALA C 33 18.19 -28.80 30.12
C ALA C 33 16.74 -28.84 30.60
N VAL C 34 16.12 -30.01 30.48
CA VAL C 34 14.77 -30.22 31.00
C VAL C 34 14.82 -31.34 32.02
N LYS C 35 14.08 -31.19 33.13
CA LYS C 35 14.07 -32.21 34.16
C LYS C 35 12.85 -32.14 35.05
N VAL C 36 12.41 -33.31 35.51
CA VAL C 36 11.30 -33.41 36.43
C VAL C 36 11.82 -33.39 37.87
N VAL C 37 11.27 -32.47 38.66
CA VAL C 37 11.69 -32.29 40.04
C VAL C 37 10.45 -32.14 40.91
N GLY C 38 10.13 -33.18 41.66
CA GLY C 38 8.96 -33.17 42.52
C GLY C 38 7.69 -33.15 41.72
N GLU C 39 6.77 -32.25 42.08
CA GLU C 39 5.52 -32.09 41.34
C GLU C 39 5.63 -30.97 40.30
N HIS C 40 6.79 -30.86 39.67
CA HIS C 40 7.05 -29.79 38.72
C HIS C 40 7.98 -30.21 37.59
N VAL C 41 7.77 -29.63 36.41
CA VAL C 41 8.74 -29.73 35.33
C VAL C 41 9.55 -28.44 35.26
N GLU C 42 10.85 -28.57 35.03
CA GLU C 42 11.75 -27.44 35.03
C GLU C 42 12.49 -27.32 33.71
N VAL C 43 12.57 -26.09 33.19
CA VAL C 43 13.37 -25.87 32.00
C VAL C 43 14.40 -24.77 32.24
N HIS C 44 15.65 -25.11 31.97
CA HIS C 44 16.76 -24.21 32.20
C HIS C 44 17.46 -24.06 30.88
N ALA C 45 17.63 -22.82 30.46
CA ALA C 45 18.12 -22.57 29.12
C ALA C 45 18.92 -21.30 29.15
N ARG C 46 20.01 -21.30 28.40
CA ARG C 46 20.85 -20.10 28.30
C ARG C 46 21.64 -20.13 27.02
N HIS C 47 21.56 -19.04 26.25
CA HIS C 47 22.17 -18.99 24.93
C HIS C 47 22.94 -17.70 24.74
N GLU C 48 24.12 -17.82 24.19
CA GLU C 48 24.92 -16.66 23.86
C GLU C 48 25.26 -16.64 22.37
N GLU C 49 25.39 -15.43 21.84
CA GLU C 49 25.81 -15.27 20.47
C GLU C 49 26.22 -13.83 20.31
N ARG C 50 26.74 -13.53 19.13
CA ARG C 50 27.06 -12.17 18.73
C ARG C 50 26.16 -11.85 17.56
N PRO C 51 25.11 -11.07 17.80
CA PRO C 51 24.16 -10.77 16.71
C PRO C 51 24.86 -9.91 15.66
N ASP C 52 25.79 -9.08 16.09
CA ASP C 52 26.72 -8.44 15.16
C ASP C 52 28.15 -8.70 15.69
N GLU C 53 29.14 -8.53 14.82
CA GLU C 53 30.52 -8.92 15.13
C GLU C 53 31.06 -8.38 16.45
N HIS C 54 30.84 -7.09 16.70
CA HIS C 54 31.30 -6.44 17.92
C HIS C 54 30.26 -6.47 19.05
N GLY C 55 29.10 -7.04 18.79
CA GLY C 55 28.04 -7.04 19.78
C GLY C 55 27.98 -8.32 20.59
N PHE C 56 27.07 -8.37 21.56
CA PHE C 56 26.91 -9.57 22.38
C PHE C 56 25.51 -9.61 22.95
N VAL C 57 24.93 -10.82 23.00
CA VAL C 57 23.67 -10.99 23.69
C VAL C 57 23.67 -12.34 24.42
N ALA C 58 23.11 -12.35 25.62
CA ALA C 58 22.94 -13.58 26.36
C ALA C 58 21.52 -13.62 26.84
N ARG C 59 20.89 -14.78 26.68
CA ARG C 59 19.49 -14.98 27.07
C ARG C 59 19.39 -16.21 27.93
N GLU C 60 18.89 -16.03 29.15
CA GLU C 60 18.79 -17.12 30.11
C GLU C 60 17.40 -17.09 30.73
N PHE C 61 16.79 -18.27 30.88
CA PHE C 61 15.58 -18.37 31.67
C PHE C 61 15.47 -19.68 32.45
N HIS C 62 14.66 -19.66 33.48
CA HIS C 62 14.40 -20.85 34.24
C HIS C 62 12.92 -20.91 34.49
N ARG C 63 12.27 -21.93 33.94
CA ARG C 63 10.82 -22.05 34.06
C ARG C 63 10.43 -23.31 34.82
N ARG C 64 9.48 -23.16 35.74
CA ARG C 64 8.92 -24.32 36.41
C ARG C 64 7.42 -24.40 36.16
N TYR C 65 6.96 -25.56 35.71
CA TYR C 65 5.54 -25.78 35.54
C TYR C 65 5.02 -26.82 36.52
N ARG C 66 3.89 -26.51 37.16
CA ARG C 66 3.18 -27.45 37.99
C ARG C 66 2.64 -28.58 37.11
N LEU C 67 2.96 -29.82 37.47
CA LEU C 67 2.43 -30.96 36.75
C LEU C 67 0.97 -31.23 37.08
N PRO C 68 0.20 -31.72 36.09
CA PRO C 68 -1.14 -32.25 36.34
C PRO C 68 -1.05 -33.51 37.21
N PRO C 69 -1.89 -33.57 38.26
CA PRO C 69 -1.90 -34.57 39.32
C PRO C 69 -1.74 -36.02 38.87
N GLY C 70 -0.60 -36.61 39.22
CA GLY C 70 -0.38 -38.03 39.09
C GLY C 70 0.48 -38.48 37.93
N VAL C 71 0.74 -37.56 37.01
CA VAL C 71 1.51 -37.87 35.80
C VAL C 71 2.89 -38.46 36.12
N ASP C 72 3.08 -39.72 35.75
CA ASP C 72 4.35 -40.38 35.98
C ASP C 72 5.44 -39.72 35.15
N PRO C 73 6.52 -39.30 35.82
CA PRO C 73 7.66 -38.57 35.24
C PRO C 73 8.40 -39.39 34.18
N ALA C 74 8.05 -40.66 34.03
CA ALA C 74 8.59 -41.49 32.97
C ALA C 74 7.84 -41.17 31.67
N ALA C 75 6.69 -40.52 31.81
CA ALA C 75 5.89 -40.13 30.66
C ALA C 75 6.31 -38.76 30.13
N VAL C 76 7.02 -38.01 30.97
CA VAL C 76 7.45 -36.67 30.62
C VAL C 76 8.54 -36.67 29.55
N THR C 77 8.15 -36.33 28.32
CA THR C 77 9.11 -36.31 27.24
C THR C 77 9.28 -34.91 26.68
N SER C 78 10.27 -34.74 25.81
CA SER C 78 10.56 -33.44 25.24
C SER C 78 11.23 -33.55 23.88
N ALA C 79 10.92 -32.60 23.01
CA ALA C 79 11.48 -32.58 21.67
C ALA C 79 11.72 -31.15 21.21
N LEU C 80 12.58 -30.99 20.22
CA LEU C 80 12.96 -29.66 19.75
C LEU C 80 12.82 -29.54 18.24
N SER C 81 11.97 -28.61 17.80
CA SER C 81 11.68 -28.46 16.37
C SER C 81 12.83 -27.74 15.61
N PRO C 82 12.97 -28.04 14.31
CA PRO C 82 13.93 -27.40 13.41
C PRO C 82 13.82 -25.86 13.45
N GLU C 83 12.61 -25.36 13.61
CA GLU C 83 12.36 -23.93 13.67
C GLU C 83 12.64 -23.42 15.09
N GLY C 84 13.18 -24.30 15.93
CA GLY C 84 13.62 -23.91 17.26
C GLY C 84 12.54 -23.71 18.30
N VAL C 85 11.50 -24.55 18.28
CA VAL C 85 10.49 -24.58 19.34
C VAL C 85 10.73 -25.81 20.19
N LEU C 86 10.82 -25.60 21.49
CA LEU C 86 10.93 -26.70 22.41
C LEU C 86 9.54 -27.10 22.89
N SER C 87 9.25 -28.41 22.83
CA SER C 87 7.98 -28.89 23.36
C SER C 87 8.19 -29.90 24.47
N ILE C 88 7.36 -29.82 25.51
CA ILE C 88 7.37 -30.83 26.56
C ILE C 88 5.95 -31.36 26.76
N GLN C 89 5.82 -32.69 26.78
CA GLN C 89 4.52 -33.34 26.85
C GLN C 89 4.51 -34.37 27.97
N ALA C 90 3.34 -34.61 28.53
CA ALA C 90 3.17 -35.60 29.59
C ALA C 90 1.81 -36.28 29.50
N PRO D 2 -9.51 26.85 -7.05
CA PRO D 2 -8.22 26.83 -6.33
C PRO D 2 -7.92 25.49 -5.68
N SER D 3 -6.87 24.81 -6.17
CA SER D 3 -6.48 23.53 -5.60
C SER D 3 -6.05 23.67 -4.15
N VAL D 4 -6.22 22.62 -3.38
CA VAL D 4 -5.66 22.63 -2.04
C VAL D 4 -4.37 21.79 -1.98
N ALA D 5 -3.29 22.43 -1.55
CA ALA D 5 -1.98 21.77 -1.43
C ALA D 5 -2.06 20.45 -0.65
N LEU D 6 -1.24 19.49 -1.06
CA LEU D 6 -1.21 18.16 -0.47
C LEU D 6 0.15 17.94 0.13
N PRO D 7 0.21 17.27 1.28
CA PRO D 7 1.51 16.92 1.86
C PRO D 7 2.19 15.85 1.01
N VAL D 8 3.50 16.00 0.86
CA VAL D 8 4.33 15.04 0.12
C VAL D 8 5.25 14.34 1.13
N ALA D 9 5.22 13.02 1.15
CA ALA D 9 5.98 12.28 2.15
C ALA D 9 7.47 12.23 1.78
N GLN D 10 8.32 12.04 2.79
CA GLN D 10 9.76 12.02 2.58
C GLN D 10 10.41 10.82 3.27
N VAL D 11 11.54 10.38 2.74
CA VAL D 11 12.33 9.35 3.40
C VAL D 11 13.22 10.03 4.42
N PRO D 12 13.38 9.43 5.61
CA PRO D 12 14.18 10.06 6.67
C PRO D 12 15.71 10.02 6.45
N THR D 13 16.44 10.96 7.06
CA THR D 13 17.90 10.97 7.03
C THR D 13 18.55 10.31 8.26
N ASP D 14 19.82 10.62 8.52
CA ASP D 14 20.58 9.94 9.57
C ASP D 14 20.68 10.69 10.91
N HIS D 17 22.39 9.32 14.50
CA HIS D 17 23.42 8.91 15.45
C HIS D 17 23.05 7.55 16.03
N PHE D 18 23.98 6.92 16.74
CA PHE D 18 23.71 5.63 17.41
C PHE D 18 22.39 5.67 18.18
N SER D 19 21.54 4.67 17.96
CA SER D 19 20.24 4.62 18.60
C SER D 19 19.64 3.22 18.54
N VAL D 20 19.33 2.66 19.70
CA VAL D 20 18.75 1.32 19.79
C VAL D 20 17.52 1.25 20.71
N LEU D 21 16.73 0.20 20.53
CA LEU D 21 15.50 0.01 21.24
C LEU D 21 15.45 -1.44 21.68
N LEU D 22 14.98 -1.66 22.89
CA LEU D 22 14.89 -3.00 23.47
C LEU D 22 13.62 -3.13 24.29
N ASP D 23 12.92 -4.24 24.10
CA ASP D 23 11.74 -4.53 24.89
C ASP D 23 12.15 -5.30 26.15
N VAL D 24 11.98 -4.64 27.29
CA VAL D 24 12.44 -5.19 28.57
C VAL D 24 11.30 -5.21 29.59
N LYS D 25 10.06 -5.17 29.10
CA LYS D 25 8.87 -5.06 29.95
C LYS D 25 8.82 -6.13 31.06
N HIS D 26 9.51 -7.25 30.85
CA HIS D 26 9.47 -8.32 31.84
C HIS D 26 10.33 -8.02 33.07
N PHE D 27 11.06 -6.92 33.03
CA PHE D 27 11.92 -6.55 34.13
C PHE D 27 11.47 -5.23 34.61
N SER D 28 11.60 -5.00 35.91
CA SER D 28 11.28 -3.71 36.50
C SER D 28 12.50 -2.82 36.31
N PRO D 29 12.33 -1.49 36.44
CA PRO D 29 13.45 -0.54 36.27
C PRO D 29 14.66 -0.85 37.16
N GLU D 30 14.41 -1.26 38.40
CA GLU D 30 15.52 -1.53 39.31
C GLU D 30 16.20 -2.87 38.99
N GLU D 31 15.59 -3.66 38.12
CA GLU D 31 16.18 -4.91 37.68
C GLU D 31 17.00 -4.73 36.42
N ILE D 32 17.09 -3.50 35.92
CA ILE D 32 17.82 -3.25 34.68
C ILE D 32 18.99 -2.33 34.92
N ALA D 33 20.17 -2.73 34.44
CA ALA D 33 21.34 -1.87 34.53
C ALA D 33 21.90 -1.58 33.14
N VAL D 34 22.18 -0.30 32.91
CA VAL D 34 22.73 0.20 31.66
C VAL D 34 24.01 0.96 31.94
N LYS D 35 25.09 0.53 31.30
CA LYS D 35 26.37 1.17 31.56
C LYS D 35 27.29 1.19 30.34
N VAL D 36 28.21 2.16 30.35
CA VAL D 36 29.26 2.19 29.33
C VAL D 36 30.51 1.55 29.90
N VAL D 37 31.03 0.56 29.16
CA VAL D 37 32.30 -0.05 29.51
C VAL D 37 33.21 -0.06 28.31
N GLY D 38 34.16 0.86 28.29
CA GLY D 38 35.09 0.97 27.19
C GLY D 38 34.40 1.61 26.02
N GLU D 39 34.27 0.84 24.94
CA GLU D 39 33.65 1.31 23.69
C GLU D 39 32.29 0.66 23.49
N HIS D 40 31.80 -0.02 24.52
CA HIS D 40 30.53 -0.71 24.45
C HIS D 40 29.52 -0.10 25.41
N VAL D 41 28.24 -0.21 25.05
CA VAL D 41 27.16 0.01 26.00
C VAL D 41 26.64 -1.35 26.39
N GLU D 42 26.31 -1.52 27.66
CA GLU D 42 25.84 -2.82 28.11
C GLU D 42 24.51 -2.69 28.79
N VAL D 43 23.71 -3.75 28.66
CA VAL D 43 22.43 -3.83 29.31
C VAL D 43 22.37 -5.15 30.04
N HIS D 44 22.06 -5.08 31.33
CA HIS D 44 21.99 -6.29 32.13
C HIS D 44 20.70 -6.29 32.92
N ALA D 45 19.93 -7.35 32.72
CA ALA D 45 18.64 -7.44 33.33
C ALA D 45 18.50 -8.80 33.94
N ARG D 46 17.90 -8.86 35.11
CA ARG D 46 17.66 -10.12 35.78
C ARG D 46 16.47 -9.96 36.73
N HIS D 47 15.62 -10.99 36.78
CA HIS D 47 14.63 -11.09 37.84
C HIS D 47 14.57 -12.50 38.40
N GLU D 48 14.37 -12.58 39.72
CA GLU D 48 14.23 -13.86 40.41
C GLU D 48 12.91 -14.49 40.00
N GLU D 49 12.77 -15.78 40.26
CA GLU D 49 11.58 -16.52 39.93
C GLU D 49 10.35 -15.82 40.49
N ARG D 50 9.36 -15.57 39.64
CA ARG D 50 8.09 -14.98 40.04
C ARG D 50 7.00 -15.75 39.30
N PRO D 51 5.79 -15.84 39.87
CA PRO D 51 4.76 -16.60 39.16
C PRO D 51 4.24 -15.80 37.98
N ASP D 52 3.86 -16.48 36.90
CA ASP D 52 3.22 -15.83 35.76
C ASP D 52 2.00 -16.64 35.29
N GLU D 53 1.59 -16.42 34.05
CA GLU D 53 0.46 -17.12 33.45
C GLU D 53 0.64 -18.64 33.48
N HIS D 54 1.80 -19.11 33.04
CA HIS D 54 2.00 -20.53 32.84
C HIS D 54 2.68 -21.27 34.01
N GLY D 55 3.10 -20.52 35.02
CA GLY D 55 3.68 -21.12 36.21
C GLY D 55 4.66 -20.24 36.95
N PHE D 56 5.94 -20.64 36.95
CA PHE D 56 7.00 -19.82 37.51
C PHE D 56 8.08 -19.61 36.47
N VAL D 57 8.61 -18.39 36.43
CA VAL D 57 9.70 -18.08 35.52
C VAL D 57 10.74 -17.15 36.16
N ALA D 58 12.00 -17.44 35.94
CA ALA D 58 13.08 -16.51 36.25
C ALA D 58 13.79 -16.18 34.95
N ARG D 59 14.20 -14.92 34.78
CA ARG D 59 14.86 -14.50 33.54
C ARG D 59 16.12 -13.69 33.74
N GLU D 60 16.97 -13.77 32.73
CA GLU D 60 18.18 -12.96 32.65
C GLU D 60 18.38 -12.58 31.19
N PHE D 61 18.84 -11.35 30.96
CA PHE D 61 19.17 -10.88 29.64
C PHE D 61 20.38 -9.94 29.68
N HIS D 62 21.33 -10.15 28.77
CA HIS D 62 22.53 -9.34 28.66
C HIS D 62 22.74 -8.94 27.22
N ARG D 63 23.12 -7.68 27.01
CA ARG D 63 23.31 -7.19 25.65
C ARG D 63 24.44 -6.18 25.64
N ARG D 64 25.37 -6.34 24.70
CA ARG D 64 26.40 -5.35 24.48
C ARG D 64 26.27 -4.77 23.09
N TYR D 65 26.41 -3.45 22.98
CA TYR D 65 26.47 -2.78 21.69
C TYR D 65 27.79 -2.07 21.63
N ARG D 66 28.55 -2.34 20.56
CA ARG D 66 29.70 -1.54 20.23
C ARG D 66 29.27 -0.14 19.87
N LEU D 67 29.88 0.85 20.51
CA LEU D 67 29.66 2.23 20.11
C LEU D 67 30.43 2.52 18.84
N PRO D 68 29.82 3.30 17.94
CA PRO D 68 30.47 3.65 16.67
C PRO D 68 31.61 4.62 16.92
N PRO D 69 32.57 4.67 15.98
CA PRO D 69 33.74 5.56 16.08
C PRO D 69 33.34 7.03 16.10
N GLY D 70 34.13 7.83 16.81
CA GLY D 70 33.89 9.26 16.92
C GLY D 70 32.90 9.60 18.02
N VAL D 71 32.10 8.60 18.42
CA VAL D 71 31.13 8.77 19.49
C VAL D 71 31.78 8.58 20.84
N ASP D 72 31.67 9.58 21.71
CA ASP D 72 32.26 9.48 23.03
C ASP D 72 31.28 8.90 24.03
N PRO D 73 31.75 7.96 24.87
CA PRO D 73 30.99 7.35 25.97
C PRO D 73 30.36 8.37 26.91
N ALA D 74 30.88 9.59 26.94
CA ALA D 74 30.32 10.62 27.81
C ALA D 74 28.89 10.96 27.42
N ALA D 75 28.59 10.88 26.13
CA ALA D 75 27.33 11.40 25.60
C ALA D 75 26.22 10.34 25.48
N VAL D 76 26.40 9.20 26.12
CA VAL D 76 25.37 8.17 26.05
C VAL D 76 24.22 8.42 27.05
N THR D 77 22.99 8.30 26.56
CA THR D 77 21.83 8.45 27.41
C THR D 77 20.87 7.30 27.19
N SER D 78 19.97 7.12 28.13
CA SER D 78 18.95 6.10 27.98
C SER D 78 17.65 6.62 28.53
N ALA D 79 16.58 5.96 28.12
CA ALA D 79 15.26 6.30 28.57
C ALA D 79 14.50 4.99 28.55
N LEU D 80 13.50 4.89 29.42
CA LEU D 80 12.69 3.69 29.53
C LEU D 80 11.23 4.10 29.53
N SER D 81 10.47 3.61 28.54
CA SER D 81 9.10 4.01 28.36
C SER D 81 8.16 3.29 29.33
N PRO D 82 6.98 3.89 29.62
CA PRO D 82 5.89 3.24 30.37
C PRO D 82 5.53 1.88 29.79
N GLU D 83 5.75 1.73 28.50
CA GLU D 83 5.50 0.47 27.83
C GLU D 83 6.66 -0.53 27.99
N GLY D 84 7.70 -0.13 28.72
CA GLY D 84 8.81 -1.04 28.99
C GLY D 84 9.77 -1.16 27.82
N VAL D 85 9.87 -0.10 27.02
CA VAL D 85 10.83 -0.09 25.94
C VAL D 85 12.01 0.78 26.31
N LEU D 86 13.20 0.19 26.18
CA LEU D 86 14.44 0.85 26.53
C LEU D 86 15.07 1.47 25.30
N SER D 87 15.43 2.74 25.40
CA SER D 87 16.07 3.43 24.31
C SER D 87 17.46 3.92 24.73
N ILE D 88 18.48 3.62 23.95
CA ILE D 88 19.83 4.08 24.23
C ILE D 88 20.37 4.83 23.03
N GLN D 89 20.95 6.00 23.25
CA GLN D 89 21.38 6.85 22.15
C GLN D 89 22.70 7.51 22.50
N ALA D 90 23.38 8.03 21.47
CA ALA D 90 24.63 8.74 21.68
C ALA D 90 24.89 9.71 20.54
N VAL E 4 -20.50 7.94 -48.99
CA VAL E 4 -21.71 8.58 -48.51
C VAL E 4 -21.81 8.53 -46.98
N ALA E 5 -22.06 9.67 -46.36
CA ALA E 5 -22.29 9.73 -44.92
C ALA E 5 -23.57 9.00 -44.53
N LEU E 6 -23.50 8.09 -43.57
CA LEU E 6 -24.71 7.49 -43.01
C LEU E 6 -24.74 7.74 -41.50
N PRO E 7 -25.80 8.43 -41.05
CA PRO E 7 -26.04 8.68 -39.62
C PRO E 7 -26.06 7.36 -38.85
N VAL E 8 -25.32 7.28 -37.75
CA VAL E 8 -25.25 6.03 -37.02
C VAL E 8 -26.49 5.80 -36.14
N ALA E 9 -27.08 4.61 -36.32
CA ALA E 9 -28.30 4.18 -35.64
C ALA E 9 -28.17 4.14 -34.10
N GLN E 10 -28.96 4.97 -33.41
CA GLN E 10 -28.93 5.03 -31.95
C GLN E 10 -29.64 3.85 -31.30
N VAL E 11 -28.86 2.88 -30.83
CA VAL E 11 -29.40 1.75 -30.08
C VAL E 11 -29.43 2.10 -28.57
N PRO E 12 -30.35 1.49 -27.81
CA PRO E 12 -30.33 1.66 -26.35
C PRO E 12 -29.38 0.70 -25.64
N PHE E 18 -29.44 -7.12 -19.57
CA PHE E 18 -28.17 -6.90 -18.88
C PHE E 18 -27.03 -6.74 -19.88
N SER E 19 -26.26 -5.67 -19.70
CA SER E 19 -25.23 -5.31 -20.65
C SER E 19 -24.31 -4.26 -20.04
N VAL E 20 -23.03 -4.57 -19.94
CA VAL E 20 -22.08 -3.61 -19.42
C VAL E 20 -20.88 -3.45 -20.35
N LEU E 21 -20.26 -2.28 -20.28
CA LEU E 21 -19.15 -1.98 -21.15
C LEU E 21 -18.05 -1.37 -20.30
N LEU E 22 -16.86 -1.93 -20.42
CA LEU E 22 -15.73 -1.49 -19.64
C LEU E 22 -14.53 -1.21 -20.53
N ASP E 23 -13.91 -0.05 -20.31
CA ASP E 23 -12.64 0.26 -20.96
C ASP E 23 -11.49 -0.41 -20.20
N VAL E 24 -10.95 -1.48 -20.76
CA VAL E 24 -9.79 -2.16 -20.14
C VAL E 24 -8.59 -2.19 -21.09
N LYS E 25 -8.42 -1.15 -21.89
CA LYS E 25 -7.38 -1.12 -22.91
C LYS E 25 -5.97 -1.25 -22.34
N HIS E 26 -5.79 -0.90 -21.07
CA HIS E 26 -4.47 -0.94 -20.48
C HIS E 26 -4.11 -2.31 -19.93
N PHE E 27 -5.07 -3.22 -19.95
CA PHE E 27 -4.84 -4.55 -19.38
C PHE E 27 -4.76 -5.53 -20.52
N SER E 28 -3.78 -6.42 -20.45
CA SER E 28 -3.74 -7.57 -21.34
C SER E 28 -4.95 -8.43 -21.05
N PRO E 29 -5.48 -9.13 -22.07
CA PRO E 29 -6.65 -10.03 -21.93
C PRO E 29 -6.46 -11.04 -20.80
N GLU E 30 -5.21 -11.40 -20.55
CA GLU E 30 -4.88 -12.40 -19.53
C GLU E 30 -4.93 -11.81 -18.13
N GLU E 31 -4.88 -10.48 -18.03
CA GLU E 31 -4.92 -9.81 -16.71
C GLU E 31 -6.35 -9.50 -16.24
N ILE E 32 -7.34 -10.11 -16.88
CA ILE E 32 -8.73 -9.80 -16.61
C ILE E 32 -9.54 -11.07 -16.34
N ALA E 33 -10.23 -11.10 -15.21
CA ALA E 33 -11.03 -12.25 -14.83
C ALA E 33 -12.50 -11.84 -14.62
N VAL E 34 -13.40 -12.56 -15.28
CA VAL E 34 -14.83 -12.37 -15.17
C VAL E 34 -15.49 -13.64 -14.65
N LYS E 35 -16.33 -13.51 -13.64
CA LYS E 35 -17.02 -14.67 -13.07
C LYS E 35 -18.37 -14.32 -12.45
N VAL E 36 -19.30 -15.27 -12.49
CA VAL E 36 -20.59 -15.07 -11.86
C VAL E 36 -20.53 -15.65 -10.46
N VAL E 37 -20.95 -14.85 -9.47
CA VAL E 37 -21.00 -15.31 -8.10
C VAL E 37 -22.41 -15.13 -7.53
N GLY E 38 -23.14 -16.23 -7.46
CA GLY E 38 -24.53 -16.18 -7.06
C GLY E 38 -25.34 -15.34 -8.01
N GLU E 39 -25.70 -14.14 -7.59
CA GLU E 39 -26.51 -13.24 -8.40
C GLU E 39 -25.67 -12.10 -8.97
N HIS E 40 -24.38 -12.12 -8.68
CA HIS E 40 -23.47 -11.05 -9.10
C HIS E 40 -22.49 -11.45 -10.20
N VAL E 41 -22.14 -10.47 -11.04
CA VAL E 41 -21.06 -10.62 -12.01
C VAL E 41 -19.86 -9.83 -11.50
N GLU E 42 -18.69 -10.47 -11.48
CA GLU E 42 -17.49 -9.79 -10.99
C GLU E 42 -16.42 -9.70 -12.06
N VAL E 43 -15.72 -8.58 -12.06
CA VAL E 43 -14.68 -8.33 -13.02
C VAL E 43 -13.51 -7.86 -12.23
N HIS E 44 -12.37 -8.54 -12.44
CA HIS E 44 -11.15 -8.26 -11.71
C HIS E 44 -10.05 -8.04 -12.73
N ALA E 45 -9.29 -6.96 -12.58
CA ALA E 45 -8.25 -6.64 -13.53
C ALA E 45 -7.07 -6.10 -12.77
N ARG E 46 -5.87 -6.49 -13.20
CA ARG E 46 -4.67 -6.10 -12.48
C ARG E 46 -3.42 -6.25 -13.35
N HIS E 47 -2.51 -5.31 -13.19
CA HIS E 47 -1.24 -5.44 -13.88
C HIS E 47 -0.16 -4.81 -13.04
N GLU E 48 1.03 -5.43 -13.09
CA GLU E 48 2.18 -5.01 -12.29
C GLU E 48 2.80 -3.76 -12.91
N GLU E 49 3.75 -3.16 -12.20
CA GLU E 49 4.40 -1.96 -12.68
C GLU E 49 5.06 -2.19 -14.04
N ARG E 50 4.76 -1.31 -14.98
CA ARG E 50 5.32 -1.37 -16.31
C ARG E 50 5.47 0.06 -16.80
N PRO E 51 6.45 0.29 -17.66
CA PRO E 51 6.62 1.68 -18.09
C PRO E 51 5.53 2.10 -19.05
N ASP E 52 5.26 3.39 -19.08
CA ASP E 52 4.53 3.97 -20.19
C ASP E 52 5.17 5.31 -20.52
N GLU E 53 4.41 6.16 -21.20
CA GLU E 53 4.94 7.40 -21.74
C GLU E 53 5.46 8.28 -20.61
N HIS E 54 4.74 8.28 -19.50
CA HIS E 54 4.95 9.23 -18.41
C HIS E 54 6.02 8.77 -17.41
N GLY E 55 6.15 7.47 -17.22
CA GLY E 55 7.06 6.90 -16.23
C GLY E 55 6.60 5.47 -16.03
N PHE E 56 6.22 5.09 -14.81
CA PHE E 56 5.83 3.71 -14.53
C PHE E 56 4.48 3.66 -13.85
N VAL E 57 3.73 2.59 -14.09
CA VAL E 57 2.38 2.52 -13.55
C VAL E 57 1.91 1.07 -13.33
N ALA E 58 1.20 0.85 -12.22
CA ALA E 58 0.53 -0.42 -11.94
C ALA E 58 -0.95 -0.12 -11.68
N ARG E 59 -1.84 -1.06 -11.98
CA ARG E 59 -3.28 -0.80 -11.89
C ARG E 59 -4.05 -2.01 -11.41
N GLU E 60 -5.14 -1.73 -10.71
CA GLU E 60 -6.05 -2.78 -10.30
C GLU E 60 -7.44 -2.24 -10.05
N PHE E 61 -8.44 -3.07 -10.33
CA PHE E 61 -9.78 -2.76 -9.95
C PHE E 61 -10.60 -4.03 -9.85
N HIS E 62 -11.70 -3.93 -9.10
CA HIS E 62 -12.68 -4.99 -9.00
C HIS E 62 -14.03 -4.33 -9.12
N ARG E 63 -14.88 -4.91 -9.96
CA ARG E 63 -16.24 -4.41 -10.12
C ARG E 63 -17.23 -5.52 -9.90
N ARG E 64 -18.36 -5.19 -9.26
CA ARG E 64 -19.45 -6.13 -9.08
C ARG E 64 -20.76 -5.58 -9.64
N TYR E 65 -21.52 -6.42 -10.30
CA TYR E 65 -22.81 -6.02 -10.86
C TYR E 65 -23.88 -7.00 -10.40
N ARG E 66 -25.04 -6.47 -10.04
CA ARG E 66 -26.19 -7.29 -9.75
C ARG E 66 -26.89 -7.64 -11.05
N LEU E 67 -27.09 -8.95 -11.27
CA LEU E 67 -27.88 -9.41 -12.41
C LEU E 67 -29.34 -9.04 -12.22
N PRO E 68 -29.99 -8.52 -13.27
CA PRO E 68 -31.42 -8.21 -13.18
C PRO E 68 -32.19 -9.52 -12.98
N PRO E 69 -33.41 -9.45 -12.42
CA PRO E 69 -34.20 -10.66 -12.19
C PRO E 69 -34.58 -11.33 -13.51
N GLY E 70 -34.69 -12.66 -13.50
CA GLY E 70 -35.03 -13.40 -14.69
C GLY E 70 -33.88 -13.47 -15.67
N VAL E 71 -32.68 -13.70 -15.13
CA VAL E 71 -31.48 -13.88 -15.95
C VAL E 71 -30.61 -14.97 -15.33
N ASP E 72 -30.60 -16.14 -15.97
CA ASP E 72 -29.82 -17.27 -15.50
C ASP E 72 -28.33 -16.96 -15.60
N PRO E 73 -27.60 -17.12 -14.48
CA PRO E 73 -26.15 -16.96 -14.44
C PRO E 73 -25.43 -17.69 -15.57
N ALA E 74 -26.00 -18.79 -16.05
CA ALA E 74 -25.39 -19.57 -17.13
C ALA E 74 -25.48 -18.84 -18.47
N ALA E 75 -26.34 -17.83 -18.55
CA ALA E 75 -26.52 -17.09 -19.79
C ALA E 75 -25.44 -16.03 -19.96
N VAL E 76 -24.75 -15.71 -18.88
CA VAL E 76 -23.76 -14.64 -18.89
C VAL E 76 -22.54 -14.94 -19.76
N THR E 77 -22.37 -14.14 -20.79
CA THR E 77 -21.18 -14.25 -21.63
C THR E 77 -20.43 -12.92 -21.67
N SER E 78 -19.17 -12.97 -22.08
CA SER E 78 -18.36 -11.77 -22.15
C SER E 78 -17.42 -11.83 -23.33
N ALA E 79 -17.05 -10.64 -23.80
CA ALA E 79 -16.26 -10.55 -25.00
C ALA E 79 -15.34 -9.35 -24.89
N LEU E 80 -14.24 -9.39 -25.63
CA LEU E 80 -13.30 -8.31 -25.58
C LEU E 80 -12.95 -7.88 -26.99
N SER E 81 -13.21 -6.62 -27.29
CA SER E 81 -12.92 -6.10 -28.62
C SER E 81 -11.42 -5.82 -28.70
N PRO E 82 -10.87 -5.84 -29.94
CA PRO E 82 -9.45 -5.53 -30.19
C PRO E 82 -9.11 -4.12 -29.74
N GLU E 83 -10.13 -3.29 -29.57
CA GLU E 83 -9.92 -1.91 -29.15
C GLU E 83 -9.88 -1.79 -27.63
N GLY E 84 -10.05 -2.92 -26.94
CA GLY E 84 -9.86 -2.94 -25.50
C GLY E 84 -11.11 -2.62 -24.72
N VAL E 85 -12.26 -2.97 -25.28
CA VAL E 85 -13.52 -2.81 -24.58
C VAL E 85 -14.09 -4.16 -24.17
N LEU E 86 -14.29 -4.32 -22.87
CA LEU E 86 -14.90 -5.53 -22.33
C LEU E 86 -16.42 -5.36 -22.28
N SER E 87 -17.13 -6.34 -22.84
CA SER E 87 -18.57 -6.31 -22.77
C SER E 87 -19.06 -7.58 -22.11
N ILE E 88 -20.03 -7.42 -21.21
CA ILE E 88 -20.63 -8.56 -20.55
C ILE E 88 -22.14 -8.51 -20.75
N GLN E 89 -22.69 -9.58 -21.32
CA GLN E 89 -24.11 -9.59 -21.64
C GLN E 89 -24.77 -10.84 -21.11
N ALA E 90 -26.10 -10.81 -21.11
CA ALA E 90 -26.91 -11.89 -20.57
C ALA E 90 -28.31 -11.89 -21.16
N VAL F 8 -3.70 44.09 -27.65
CA VAL F 8 -3.65 42.94 -26.76
C VAL F 8 -2.24 42.34 -26.72
N ALA F 9 -2.00 41.42 -25.80
CA ALA F 9 -0.63 40.93 -25.59
C ALA F 9 -0.43 39.43 -25.86
N GLN F 10 0.32 39.13 -26.92
CA GLN F 10 0.68 37.76 -27.22
C GLN F 10 1.68 37.26 -26.18
N VAL F 11 1.36 36.14 -25.54
CA VAL F 11 2.19 35.60 -24.47
C VAL F 11 3.03 34.44 -24.98
N PRO F 12 4.36 34.55 -24.82
CA PRO F 12 5.34 33.54 -25.24
C PRO F 12 5.39 32.31 -24.34
N THR F 13 5.65 31.16 -24.95
CA THR F 13 5.79 29.91 -24.21
C THR F 13 7.26 29.50 -24.01
N ASP F 14 7.73 29.62 -22.78
CA ASP F 14 9.07 29.20 -22.41
C ASP F 14 9.07 27.68 -22.15
N PRO F 15 10.26 27.06 -22.05
CA PRO F 15 10.33 25.63 -21.69
C PRO F 15 9.64 25.29 -20.37
N HIS F 17 9.87 23.47 -15.89
CA HIS F 17 10.33 22.53 -14.86
C HIS F 17 9.33 21.40 -14.67
N PHE F 18 9.71 20.38 -13.92
CA PHE F 18 8.85 19.21 -13.73
C PHE F 18 7.46 19.60 -13.23
N SER F 19 6.45 18.98 -13.83
CA SER F 19 5.07 19.40 -13.62
C SER F 19 4.14 18.44 -14.34
N VAL F 20 3.19 17.87 -13.60
CA VAL F 20 2.29 16.87 -14.18
C VAL F 20 0.91 17.09 -13.61
N LEU F 21 -0.10 16.54 -14.30
CA LEU F 21 -1.46 16.58 -13.80
C LEU F 21 -2.04 15.17 -13.91
N LEU F 22 -2.87 14.80 -12.94
CA LEU F 22 -3.42 13.45 -12.91
C LEU F 22 -4.89 13.52 -12.54
N ASP F 23 -5.70 12.86 -13.35
CA ASP F 23 -7.09 12.68 -13.03
C ASP F 23 -7.14 11.64 -11.92
N VAL F 24 -7.62 12.03 -10.75
CA VAL F 24 -7.84 11.08 -9.66
C VAL F 24 -9.21 11.34 -9.05
N LYS F 25 -10.16 11.72 -9.89
CA LYS F 25 -11.48 12.11 -9.40
C LYS F 25 -12.17 11.03 -8.56
N HIS F 26 -11.89 9.76 -8.83
CA HIS F 26 -12.61 8.69 -8.14
C HIS F 26 -12.12 8.43 -6.72
N PHE F 27 -11.09 9.15 -6.31
CA PHE F 27 -10.44 8.95 -5.02
C PHE F 27 -10.57 10.22 -4.22
N SER F 28 -10.81 10.07 -2.91
CA SER F 28 -10.89 11.21 -2.00
C SER F 28 -9.48 11.56 -1.55
N PRO F 29 -9.29 12.77 -1.00
CA PRO F 29 -7.95 13.20 -0.54
C PRO F 29 -7.35 12.25 0.48
N GLU F 30 -8.18 11.50 1.20
CA GLU F 30 -7.68 10.55 2.18
C GLU F 30 -7.29 9.22 1.53
N GLU F 31 -7.35 9.17 0.21
CA GLU F 31 -7.13 7.92 -0.49
C GLU F 31 -5.96 8.04 -1.46
N ILE F 32 -5.22 9.13 -1.31
CA ILE F 32 -4.16 9.52 -2.22
C ILE F 32 -2.93 9.88 -1.43
N ALA F 33 -1.82 9.21 -1.74
CA ALA F 33 -0.54 9.49 -1.12
C ALA F 33 0.51 9.86 -2.18
N VAL F 34 1.18 10.97 -1.93
CA VAL F 34 2.23 11.42 -2.80
C VAL F 34 3.54 11.41 -2.02
N LYS F 35 4.57 10.77 -2.57
CA LYS F 35 5.84 10.74 -1.85
C LYS F 35 7.08 10.78 -2.75
N VAL F 36 8.14 11.37 -2.22
CA VAL F 36 9.42 11.38 -2.91
C VAL F 36 10.29 10.26 -2.35
N VAL F 37 10.68 9.34 -3.23
CA VAL F 37 11.56 8.26 -2.86
C VAL F 37 12.75 8.31 -3.80
N GLY F 38 13.88 8.78 -3.28
CA GLY F 38 15.09 8.91 -4.06
C GLY F 38 14.92 9.90 -5.19
N GLU F 39 15.10 9.43 -6.41
CA GLU F 39 14.97 10.27 -7.59
C GLU F 39 13.56 10.23 -8.21
N HIS F 40 12.61 9.68 -7.45
CA HIS F 40 11.25 9.53 -7.97
C HIS F 40 10.19 10.17 -7.08
N VAL F 41 9.16 10.74 -7.73
CA VAL F 41 7.92 11.01 -7.03
C VAL F 41 6.98 9.85 -7.29
N GLU F 42 6.36 9.34 -6.23
CA GLU F 42 5.37 8.30 -6.41
C GLU F 42 3.97 8.83 -6.05
N VAL F 43 2.97 8.18 -6.62
CA VAL F 43 1.60 8.49 -6.33
C VAL F 43 0.90 7.16 -6.14
N HIS F 44 0.19 7.03 -5.03
CA HIS F 44 -0.54 5.82 -4.75
C HIS F 44 -1.95 6.22 -4.38
N ALA F 45 -2.90 5.54 -4.99
CA ALA F 45 -4.29 5.82 -4.76
C ALA F 45 -4.98 4.49 -4.63
N ARG F 46 -5.86 4.41 -3.63
CA ARG F 46 -6.65 3.23 -3.40
C ARG F 46 -7.96 3.60 -2.71
N HIS F 47 -9.04 2.96 -3.11
CA HIS F 47 -10.29 3.06 -2.36
C HIS F 47 -10.95 1.70 -2.29
N GLU F 48 -11.49 1.40 -1.11
CA GLU F 48 -12.21 0.18 -0.85
C GLU F 48 -13.50 0.18 -1.66
N GLU F 49 -14.13 -0.99 -1.75
CA GLU F 49 -15.35 -1.15 -2.53
C GLU F 49 -16.44 -0.18 -2.06
N ARG F 50 -17.07 0.49 -3.01
CA ARG F 50 -18.18 1.37 -2.67
C ARG F 50 -19.14 1.31 -3.84
N PRO F 51 -20.44 1.54 -3.57
CA PRO F 51 -21.40 1.51 -4.69
C PRO F 51 -21.24 2.73 -5.60
N ASP F 52 -21.52 2.54 -6.89
CA ASP F 52 -21.70 3.67 -7.79
C ASP F 52 -22.95 3.43 -8.65
N GLU F 53 -23.07 4.12 -9.78
CA GLU F 53 -24.28 4.03 -10.61
C GLU F 53 -24.55 2.62 -11.11
N HIS F 54 -23.49 1.89 -11.41
CA HIS F 54 -23.62 0.59 -12.08
C HIS F 54 -23.71 -0.61 -11.12
N GLY F 55 -23.10 -0.47 -9.96
CA GLY F 55 -22.97 -1.55 -9.01
C GLY F 55 -21.89 -1.19 -8.01
N PHE F 56 -20.88 -2.05 -7.87
CA PHE F 56 -19.81 -1.80 -6.91
C PHE F 56 -18.45 -1.78 -7.58
N VAL F 57 -17.54 -0.96 -7.04
CA VAL F 57 -16.23 -0.82 -7.63
C VAL F 57 -15.16 -0.54 -6.57
N ALA F 58 -13.98 -1.14 -6.75
CA ALA F 58 -12.82 -0.83 -5.93
C ALA F 58 -11.68 -0.52 -6.85
N ARG F 59 -10.91 0.53 -6.52
CA ARG F 59 -9.83 0.96 -7.41
C ARG F 59 -8.51 1.15 -6.70
N GLU F 60 -7.43 0.94 -7.44
CA GLU F 60 -6.09 1.21 -6.98
C GLU F 60 -5.16 1.46 -8.17
N PHE F 61 -4.26 2.44 -8.02
CA PHE F 61 -3.16 2.58 -8.96
C PHE F 61 -1.92 3.14 -8.25
N HIS F 62 -0.78 2.94 -8.89
CA HIS F 62 0.47 3.54 -8.43
C HIS F 62 1.18 4.10 -9.66
N ARG F 63 1.82 5.25 -9.49
CA ARG F 63 2.53 5.89 -10.57
C ARG F 63 3.86 6.41 -10.09
N ARG F 64 4.90 6.18 -10.89
CA ARG F 64 6.24 6.64 -10.56
C ARG F 64 6.71 7.54 -11.68
N TYR F 65 7.35 8.64 -11.30
CA TYR F 65 7.99 9.55 -12.27
C TYR F 65 9.42 9.80 -11.85
N ARG F 66 10.36 9.65 -12.77
CA ARG F 66 11.74 9.98 -12.44
C ARG F 66 11.87 11.50 -12.41
N LEU F 67 12.41 12.03 -11.32
CA LEU F 67 12.65 13.46 -11.23
C LEU F 67 13.87 13.88 -12.05
N PRO F 68 13.82 15.11 -12.60
CA PRO F 68 14.98 15.77 -13.21
C PRO F 68 16.11 15.95 -12.19
N PRO F 69 17.35 16.11 -12.67
CA PRO F 69 18.54 16.21 -11.80
C PRO F 69 18.61 17.46 -10.92
N GLY F 70 19.17 17.31 -9.73
CA GLY F 70 19.36 18.42 -8.83
C GLY F 70 18.07 19.02 -8.31
N VAL F 71 17.07 18.17 -8.13
CA VAL F 71 15.81 18.60 -7.55
C VAL F 71 15.83 18.31 -6.08
N ASP F 72 15.53 19.31 -5.26
CA ASP F 72 15.43 19.16 -3.81
C ASP F 72 14.07 18.58 -3.41
N PRO F 73 14.04 17.29 -3.06
CA PRO F 73 12.83 16.51 -2.73
C PRO F 73 11.81 17.25 -1.86
N ALA F 74 12.28 18.23 -1.08
CA ALA F 74 11.38 18.98 -0.20
C ALA F 74 10.75 20.16 -0.94
N ALA F 75 11.23 20.44 -2.15
CA ALA F 75 10.62 21.49 -2.95
C ALA F 75 9.68 20.91 -4.03
N VAL F 76 9.41 19.60 -3.93
CA VAL F 76 8.36 18.93 -4.70
C VAL F 76 7.04 19.22 -4.00
N THR F 77 6.14 19.90 -4.70
CA THR F 77 4.84 20.24 -4.12
C THR F 77 3.72 19.55 -4.88
N SER F 78 2.56 19.45 -4.25
CA SER F 78 1.45 18.75 -4.84
C SER F 78 0.16 19.41 -4.36
N ALA F 79 -0.88 19.29 -5.17
CA ALA F 79 -2.14 19.97 -4.90
C ALA F 79 -3.27 19.21 -5.59
N LEU F 80 -4.47 19.30 -5.02
CA LEU F 80 -5.62 18.58 -5.53
C LEU F 80 -6.73 19.59 -5.76
N SER F 81 -7.32 19.55 -6.94
CA SER F 81 -8.42 20.45 -7.29
C SER F 81 -9.72 19.78 -6.92
N PRO F 82 -10.79 20.59 -6.77
CA PRO F 82 -12.15 20.11 -6.47
C PRO F 82 -12.63 19.11 -7.49
N GLU F 83 -12.18 19.24 -8.72
CA GLU F 83 -12.63 18.37 -9.79
C GLU F 83 -11.90 17.02 -9.77
N GLY F 84 -10.87 16.90 -8.94
CA GLY F 84 -10.13 15.65 -8.83
C GLY F 84 -8.90 15.64 -9.71
N VAL F 85 -8.27 16.79 -9.83
CA VAL F 85 -7.05 16.91 -10.63
C VAL F 85 -5.87 17.08 -9.70
N LEU F 86 -4.99 16.09 -9.73
CA LEU F 86 -3.80 16.11 -8.93
C LEU F 86 -2.64 16.74 -9.70
N SER F 87 -1.95 17.69 -9.09
CA SER F 87 -0.77 18.27 -9.72
C SER F 87 0.43 18.04 -8.84
N ILE F 88 1.57 17.75 -9.47
CA ILE F 88 2.83 17.70 -8.76
C ILE F 88 3.83 18.59 -9.49
N GLN F 89 4.48 19.48 -8.78
CA GLN F 89 5.49 20.33 -9.39
C GLN F 89 6.83 20.15 -8.69
N ALA F 90 7.89 20.24 -9.47
CA ALA F 90 9.24 20.19 -8.92
C ALA F 90 10.09 21.33 -9.50
N ALA F 91 10.40 22.33 -8.69
CA ALA F 91 11.28 23.42 -9.11
C ALA F 91 12.71 22.95 -9.34
N PRO G 2 -11.90 7.28 -21.33
CA PRO G 2 -11.12 7.96 -22.38
C PRO G 2 -11.85 9.23 -22.80
N SER G 3 -11.40 10.36 -22.28
CA SER G 3 -12.23 11.56 -22.30
C SER G 3 -12.13 12.35 -23.59
N VAL G 4 -12.49 13.62 -23.49
CA VAL G 4 -12.33 14.53 -24.59
C VAL G 4 -11.63 15.78 -24.09
N ALA G 5 -11.99 16.20 -22.88
CA ALA G 5 -11.34 17.35 -22.31
C ALA G 5 -10.08 16.92 -21.61
N LEU G 6 -9.29 17.91 -21.24
CA LEU G 6 -8.01 17.68 -20.62
C LEU G 6 -8.03 18.25 -19.22
N PRO G 7 -7.37 17.55 -18.28
CA PRO G 7 -7.26 18.09 -16.92
C PRO G 7 -6.69 19.50 -16.90
N VAL G 8 -7.20 20.28 -15.96
CA VAL G 8 -6.81 21.66 -15.75
C VAL G 8 -6.85 21.82 -14.24
N ALA G 9 -6.17 22.83 -13.71
CA ALA G 9 -6.20 23.13 -12.30
C ALA G 9 -5.65 24.53 -12.09
N GLN G 10 -5.97 25.14 -10.95
CA GLN G 10 -5.39 26.41 -10.55
C GLN G 10 -4.57 26.19 -9.27
N VAL G 11 -3.44 26.88 -9.15
CA VAL G 11 -2.63 26.83 -7.95
C VAL G 11 -3.05 27.93 -6.98
N PHE G 18 -1.76 34.97 -9.62
CA PHE G 18 -2.48 34.16 -10.60
C PHE G 18 -1.62 33.05 -11.18
N SER G 19 -2.15 31.82 -11.17
CA SER G 19 -1.45 30.66 -11.72
C SER G 19 -2.39 29.51 -12.08
N VAL G 20 -2.36 29.07 -13.33
CA VAL G 20 -3.19 27.95 -13.77
C VAL G 20 -2.39 26.90 -14.56
N LEU G 21 -2.89 25.66 -14.54
CA LEU G 21 -2.24 24.55 -15.22
C LEU G 21 -3.19 23.85 -16.16
N LEU G 22 -2.68 23.46 -17.32
CA LEU G 22 -3.51 22.81 -18.33
C LEU G 22 -2.81 21.60 -18.88
N ASP G 23 -3.53 20.49 -18.94
CA ASP G 23 -3.00 19.30 -19.56
C ASP G 23 -2.96 19.48 -21.08
N VAL G 24 -1.77 19.54 -21.64
CA VAL G 24 -1.63 19.65 -23.08
C VAL G 24 -0.68 18.62 -23.67
N LYS G 25 -0.80 17.37 -23.22
CA LYS G 25 0.08 16.32 -23.72
C LYS G 25 -0.08 16.05 -25.21
N HIS G 26 1.06 15.82 -25.87
CA HIS G 26 1.20 15.67 -27.32
C HIS G 26 1.12 16.99 -28.09
N PHE G 27 0.66 18.06 -27.44
CA PHE G 27 0.52 19.33 -28.15
C PHE G 27 1.89 19.87 -28.50
N SER G 28 2.03 20.36 -29.73
CA SER G 28 3.21 21.08 -30.12
C SER G 28 3.03 22.51 -29.63
N PRO G 29 4.12 23.21 -29.32
CA PRO G 29 4.07 24.60 -28.87
C PRO G 29 3.49 25.50 -29.96
N GLU G 30 3.56 25.01 -31.19
CA GLU G 30 3.01 25.71 -32.34
C GLU G 30 1.50 25.50 -32.42
N GLU G 31 0.98 24.51 -31.70
CA GLU G 31 -0.46 24.23 -31.65
C GLU G 31 -1.15 24.95 -30.49
N ILE G 32 -0.40 25.78 -29.76
CA ILE G 32 -0.94 26.50 -28.62
C ILE G 32 -0.65 27.99 -28.76
N ALA G 33 -1.67 28.81 -28.57
CA ALA G 33 -1.48 30.24 -28.47
C ALA G 33 -2.08 30.77 -27.16
N VAL G 34 -1.30 31.59 -26.46
CA VAL G 34 -1.76 32.25 -25.24
C VAL G 34 -1.71 33.76 -25.47
N LYS G 35 -2.73 34.47 -25.02
CA LYS G 35 -2.73 35.92 -25.16
C LYS G 35 -3.63 36.61 -24.15
N VAL G 36 -3.23 37.82 -23.77
CA VAL G 36 -4.03 38.65 -22.89
C VAL G 36 -4.93 39.57 -23.70
N VAL G 37 -6.22 39.50 -23.41
CA VAL G 37 -7.23 40.28 -24.12
C VAL G 37 -8.18 40.90 -23.11
N GLY G 38 -8.05 42.21 -22.92
CA GLY G 38 -8.88 42.93 -21.97
C GLY G 38 -8.58 42.50 -20.55
N GLU G 39 -9.63 42.21 -19.78
CA GLU G 39 -9.47 41.73 -18.41
C GLU G 39 -9.49 40.20 -18.35
N HIS G 40 -8.91 39.56 -19.36
CA HIS G 40 -8.94 38.09 -19.46
C HIS G 40 -7.70 37.52 -20.11
N VAL G 41 -7.32 36.32 -19.67
CA VAL G 41 -6.30 35.55 -20.36
C VAL G 41 -6.99 34.48 -21.21
N GLU G 42 -6.48 34.28 -22.42
CA GLU G 42 -7.10 33.35 -23.36
C GLU G 42 -6.11 32.29 -23.80
N VAL G 43 -6.58 31.04 -23.80
CA VAL G 43 -5.75 29.96 -24.34
C VAL G 43 -6.47 29.25 -25.47
N HIS G 44 -5.80 29.16 -26.61
CA HIS G 44 -6.36 28.52 -27.79
C HIS G 44 -5.40 27.42 -28.19
N ALA G 45 -5.93 26.22 -28.34
CA ALA G 45 -5.10 25.06 -28.56
C ALA G 45 -5.85 24.11 -29.41
N ARG G 46 -5.13 23.45 -30.31
CA ARG G 46 -5.72 22.44 -31.15
C ARG G 46 -4.65 21.48 -31.62
N HIS G 47 -4.89 20.19 -31.43
CA HIS G 47 -3.87 19.18 -31.74
C HIS G 47 -4.46 18.01 -32.52
N GLU G 48 -3.74 17.60 -33.55
CA GLU G 48 -4.16 16.46 -34.35
C GLU G 48 -3.08 15.39 -34.35
N GLU G 49 -3.53 14.14 -34.41
CA GLU G 49 -2.63 13.03 -34.50
C GLU G 49 -3.43 11.82 -34.94
N ARG G 50 -2.71 10.74 -35.20
CA ARG G 50 -3.31 9.46 -35.52
C ARG G 50 -2.89 8.53 -34.41
N PRO G 51 -3.79 8.27 -33.47
CA PRO G 51 -3.44 7.40 -32.34
C PRO G 51 -3.17 5.98 -32.83
N ASP G 52 -3.86 5.58 -33.89
CA ASP G 52 -3.48 4.38 -34.61
C ASP G 52 -3.37 4.76 -36.09
N GLU G 53 -2.70 3.91 -36.89
CA GLU G 53 -2.35 4.27 -38.27
C GLU G 53 -3.54 4.71 -39.12
N HIS G 54 -4.65 3.97 -39.05
CA HIS G 54 -5.85 4.30 -39.81
C HIS G 54 -6.82 5.21 -39.06
N GLY G 55 -6.48 5.60 -37.83
CA GLY G 55 -7.40 6.36 -37.00
C GLY G 55 -7.08 7.85 -37.05
N PHE G 56 -7.91 8.65 -36.39
CA PHE G 56 -7.67 10.08 -36.35
C PHE G 56 -8.33 10.70 -35.12
N VAL G 57 -7.67 11.67 -34.51
CA VAL G 57 -8.24 12.40 -33.38
C VAL G 57 -7.80 13.86 -33.46
N ALA G 58 -8.74 14.76 -33.18
CA ALA G 58 -8.44 16.17 -33.13
C ALA G 58 -9.02 16.68 -31.84
N ARG G 59 -8.24 17.48 -31.12
CA ARG G 59 -8.66 18.05 -29.84
C ARG G 59 -8.42 19.54 -29.88
N GLU G 60 -9.49 20.31 -29.66
CA GLU G 60 -9.41 21.77 -29.71
C GLU G 60 -10.13 22.33 -28.50
N PHE G 61 -9.55 23.36 -27.89
CA PHE G 61 -10.28 24.07 -26.85
C PHE G 61 -9.94 25.54 -26.85
N HIS G 62 -10.83 26.32 -26.26
CA HIS G 62 -10.57 27.74 -26.10
C HIS G 62 -11.00 28.10 -24.71
N ARG G 63 -10.05 28.52 -23.89
CA ARG G 63 -10.34 28.87 -22.49
C ARG G 63 -10.05 30.34 -22.25
N ARG G 64 -10.98 31.00 -21.55
CA ARG G 64 -10.74 32.36 -21.08
C ARG G 64 -10.80 32.41 -19.56
N TYR G 65 -9.78 32.99 -18.95
CA TYR G 65 -9.79 33.20 -17.50
C TYR G 65 -9.89 34.68 -17.17
N ARG G 66 -10.76 35.00 -16.21
CA ARG G 66 -10.81 36.34 -15.65
C ARG G 66 -9.53 36.62 -14.85
N LEU G 67 -8.86 37.71 -15.19
CA LEU G 67 -7.67 38.12 -14.45
C LEU G 67 -8.03 38.68 -13.06
N PRO G 68 -7.27 38.30 -12.02
CA PRO G 68 -7.45 38.88 -10.70
C PRO G 68 -7.14 40.38 -10.76
N PRO G 69 -7.89 41.18 -9.98
CA PRO G 69 -7.82 42.64 -10.05
C PRO G 69 -6.43 43.21 -9.75
N GLY G 70 -5.94 44.05 -10.66
CA GLY G 70 -4.64 44.69 -10.49
C GLY G 70 -3.46 43.87 -10.99
N VAL G 71 -3.49 43.44 -12.25
CA VAL G 71 -2.38 42.71 -12.83
C VAL G 71 -2.05 43.19 -14.25
N ASP G 72 -0.84 43.72 -14.41
CA ASP G 72 -0.38 44.15 -15.72
C ASP G 72 -0.36 42.97 -16.69
N PRO G 73 -1.09 43.11 -17.80
CA PRO G 73 -1.15 42.11 -18.88
C PRO G 73 0.23 41.57 -19.22
N ALA G 74 1.24 42.43 -19.27
CA ALA G 74 2.59 42.00 -19.61
C ALA G 74 3.30 41.36 -18.42
N ALA G 75 2.63 41.31 -17.27
CA ALA G 75 3.16 40.57 -16.13
C ALA G 75 2.63 39.13 -16.16
N VAL G 76 2.00 38.77 -17.27
CA VAL G 76 1.46 37.43 -17.47
C VAL G 76 2.39 36.64 -18.38
N THR G 77 3.00 35.58 -17.83
CA THR G 77 3.93 34.73 -18.57
C THR G 77 3.39 33.31 -18.70
N SER G 78 4.08 32.49 -19.48
CA SER G 78 3.64 31.12 -19.71
C SER G 78 4.81 30.19 -20.04
N ALA G 79 4.71 28.96 -19.58
CA ALA G 79 5.72 27.95 -19.86
C ALA G 79 5.11 26.58 -20.07
N LEU G 80 5.86 25.68 -20.70
CA LEU G 80 5.35 24.37 -21.04
C LEU G 80 6.29 23.27 -20.58
N SER G 81 5.79 22.38 -19.73
CA SER G 81 6.61 21.35 -19.13
C SER G 81 6.87 20.19 -20.12
N PRO G 82 7.99 19.47 -19.93
CA PRO G 82 8.38 18.29 -20.71
C PRO G 82 7.31 17.21 -20.69
N GLU G 83 6.60 17.12 -19.57
CA GLU G 83 5.51 16.17 -19.44
C GLU G 83 4.21 16.74 -20.06
N GLY G 84 4.35 17.89 -20.73
CA GLY G 84 3.25 18.48 -21.47
C GLY G 84 2.17 19.16 -20.65
N VAL G 85 2.58 19.85 -19.59
CA VAL G 85 1.65 20.69 -18.84
C VAL G 85 1.94 22.14 -19.21
N LEU G 86 0.89 22.87 -19.54
CA LEU G 86 1.03 24.28 -19.80
C LEU G 86 0.73 25.05 -18.53
N SER G 87 1.58 26.02 -18.20
CA SER G 87 1.33 26.85 -17.04
C SER G 87 1.30 28.32 -17.43
N ILE G 88 0.36 29.06 -16.85
CA ILE G 88 0.31 30.51 -17.04
C ILE G 88 0.26 31.20 -15.68
N GLN G 89 1.16 32.17 -15.49
CA GLN G 89 1.29 32.84 -14.19
C GLN G 89 1.21 34.35 -14.37
N ALA G 90 0.73 35.04 -13.35
CA ALA G 90 0.65 36.49 -13.36
C ALA G 90 0.92 37.07 -11.97
N ALA G 91 1.64 38.18 -11.91
CA ALA G 91 1.95 38.81 -10.62
C ALA G 91 2.31 40.28 -10.76
N VAL H 8 -19.90 -20.03 -7.34
CA VAL H 8 -18.81 -19.40 -8.05
C VAL H 8 -18.56 -20.01 -9.44
N ALA H 9 -18.71 -19.20 -10.48
CA ALA H 9 -18.50 -19.65 -11.84
C ALA H 9 -17.31 -18.93 -12.46
N GLN H 10 -17.24 -18.93 -13.79
CA GLN H 10 -16.23 -18.23 -14.57
C GLN H 10 -16.85 -17.93 -15.91
N VAL H 11 -16.56 -16.76 -16.47
CA VAL H 11 -17.12 -16.44 -17.79
C VAL H 11 -16.00 -16.38 -18.82
N PRO H 12 -16.11 -17.22 -19.85
CA PRO H 12 -15.12 -17.19 -20.93
C PRO H 12 -15.25 -15.89 -21.71
N THR H 13 -14.20 -15.08 -21.69
CA THR H 13 -14.17 -13.91 -22.55
C THR H 13 -13.75 -14.29 -23.97
N ASP H 14 -14.61 -14.00 -24.94
CA ASP H 14 -14.31 -14.29 -26.32
C ASP H 14 -13.77 -13.05 -27.01
N PRO H 15 -13.08 -13.21 -28.15
CA PRO H 15 -12.71 -12.01 -28.89
C PRO H 15 -13.97 -11.38 -29.44
N GLY H 16 -14.11 -10.07 -29.27
CA GLY H 16 -15.31 -9.39 -29.69
C GLY H 16 -15.29 -8.85 -31.11
N HIS H 17 -16.42 -8.31 -31.54
CA HIS H 17 -16.52 -7.52 -32.75
C HIS H 17 -16.03 -6.11 -32.42
N PHE H 18 -15.84 -5.29 -33.44
CA PHE H 18 -15.48 -3.87 -33.23
C PHE H 18 -16.34 -3.23 -32.14
N SER H 19 -15.69 -2.53 -31.23
CA SER H 19 -16.40 -1.92 -30.11
C SER H 19 -15.49 -0.91 -29.45
N VAL H 20 -15.97 0.34 -29.33
CA VAL H 20 -15.21 1.42 -28.71
C VAL H 20 -16.04 2.21 -27.69
N LEU H 21 -15.35 2.90 -26.80
CA LEU H 21 -15.97 3.71 -25.74
C LEU H 21 -15.30 5.06 -25.70
N LEU H 22 -16.11 6.09 -25.55
CA LEU H 22 -15.59 7.46 -25.50
C LEU H 22 -16.29 8.25 -24.39
N ASP H 23 -15.53 9.03 -23.64
CA ASP H 23 -16.13 9.90 -22.63
C ASP H 23 -16.37 11.28 -23.20
N VAL H 24 -17.65 11.60 -23.38
CA VAL H 24 -18.05 12.81 -24.08
C VAL H 24 -18.99 13.66 -23.20
N LYS H 25 -18.95 13.41 -21.89
CA LYS H 25 -19.85 14.05 -20.94
C LYS H 25 -19.91 15.59 -21.06
N HIS H 26 -18.85 16.19 -21.58
CA HIS H 26 -18.77 17.64 -21.71
C HIS H 26 -19.64 18.17 -22.84
N PHE H 27 -20.23 17.27 -23.61
CA PHE H 27 -21.05 17.68 -24.74
C PHE H 27 -22.42 17.11 -24.49
N SER H 28 -23.45 17.83 -24.95
CA SER H 28 -24.82 17.33 -24.84
C SER H 28 -25.04 16.41 -26.03
N PRO H 29 -26.09 15.59 -25.99
CA PRO H 29 -26.39 14.66 -27.10
C PRO H 29 -26.52 15.35 -28.47
N GLU H 30 -27.18 16.50 -28.50
CA GLU H 30 -27.38 17.21 -29.76
C GLU H 30 -26.10 17.87 -30.25
N GLU H 31 -25.09 17.93 -29.38
CA GLU H 31 -23.78 18.45 -29.78
C GLU H 31 -22.85 17.37 -30.30
N ILE H 32 -23.33 16.13 -30.36
CA ILE H 32 -22.52 15.02 -30.84
C ILE H 32 -23.08 14.41 -32.11
N ALA H 33 -22.22 14.19 -33.09
CA ALA H 33 -22.64 13.53 -34.29
C ALA H 33 -21.78 12.30 -34.51
N VAL H 34 -22.46 11.20 -34.82
CA VAL H 34 -21.82 9.93 -35.12
C VAL H 34 -22.29 9.41 -36.49
N LYS H 35 -21.33 9.18 -37.37
CA LYS H 35 -21.69 8.75 -38.71
C LYS H 35 -20.68 7.81 -39.34
N VAL H 36 -21.15 7.01 -40.29
CA VAL H 36 -20.27 6.18 -41.09
C VAL H 36 -19.95 6.88 -42.41
N VAL H 37 -18.66 7.04 -42.70
CA VAL H 37 -18.23 7.58 -43.98
C VAL H 37 -17.20 6.65 -44.58
N GLY H 38 -17.64 5.87 -45.56
CA GLY H 38 -16.77 4.94 -46.23
C GLY H 38 -16.53 3.74 -45.34
N GLU H 39 -15.28 3.56 -44.92
CA GLU H 39 -14.85 2.45 -44.07
C GLU H 39 -14.54 2.94 -42.65
N HIS H 40 -14.90 4.18 -42.37
CA HIS H 40 -14.65 4.78 -41.05
C HIS H 40 -15.93 5.14 -40.32
N VAL H 41 -15.86 5.07 -39.00
CA VAL H 41 -16.90 5.68 -38.17
C VAL H 41 -16.32 6.98 -37.67
N GLU H 42 -17.13 8.01 -37.64
CA GLU H 42 -16.64 9.30 -37.19
C GLU H 42 -17.47 9.84 -36.04
N VAL H 43 -16.82 10.63 -35.19
CA VAL H 43 -17.47 11.24 -34.07
C VAL H 43 -17.09 12.70 -34.11
N HIS H 44 -18.10 13.57 -34.13
CA HIS H 44 -17.80 14.99 -34.13
C HIS H 44 -18.60 15.65 -33.02
N ALA H 45 -17.88 16.32 -32.14
CA ALA H 45 -18.52 16.99 -31.04
C ALA H 45 -18.02 18.42 -30.97
N ARG H 46 -18.93 19.33 -30.63
CA ARG H 46 -18.56 20.72 -30.49
C ARG H 46 -19.56 21.42 -29.54
N HIS H 47 -19.05 22.31 -28.70
CA HIS H 47 -19.92 23.20 -27.94
C HIS H 47 -19.35 24.61 -27.89
N GLU H 48 -20.23 25.59 -27.97
CA GLU H 48 -19.87 26.98 -27.90
C GLU H 48 -19.42 27.31 -26.49
N GLU H 49 -18.74 28.42 -26.33
CA GLU H 49 -18.22 28.85 -25.05
C GLU H 49 -19.34 28.87 -24.03
N ARG H 50 -19.12 28.19 -22.90
CA ARG H 50 -20.06 28.18 -21.79
C ARG H 50 -19.25 28.36 -20.52
N PRO H 51 -19.84 28.96 -19.47
CA PRO H 51 -19.02 29.12 -18.26
C PRO H 51 -18.84 27.79 -17.54
N ASP H 52 -17.69 27.60 -16.89
CA ASP H 52 -17.48 26.41 -16.06
C ASP H 52 -16.84 26.79 -14.73
N GLU H 53 -16.21 25.81 -14.07
CA GLU H 53 -15.56 26.04 -12.77
C GLU H 53 -14.47 27.11 -12.84
N HIS H 54 -13.63 27.04 -13.85
CA HIS H 54 -12.45 27.90 -13.93
C HIS H 54 -12.63 29.17 -14.79
N GLY H 55 -13.76 29.28 -15.48
CA GLY H 55 -14.03 30.47 -16.26
C GLY H 55 -14.96 30.21 -17.45
N PHE H 56 -14.43 30.38 -18.66
CA PHE H 56 -15.18 30.06 -19.87
C PHE H 56 -14.39 29.07 -20.70
N VAL H 57 -15.10 28.13 -21.29
CA VAL H 57 -14.46 27.14 -22.15
C VAL H 57 -15.33 26.79 -23.35
N ALA H 58 -14.69 26.71 -24.52
CA ALA H 58 -15.34 26.15 -25.71
C ALA H 58 -14.53 24.93 -26.13
N ARG H 59 -15.22 23.87 -26.56
CA ARG H 59 -14.52 22.64 -26.95
C ARG H 59 -14.95 22.04 -28.29
N GLU H 60 -14.04 21.31 -28.89
CA GLU H 60 -14.32 20.54 -30.09
C GLU H 60 -13.55 19.25 -29.99
N PHE H 61 -14.13 18.18 -30.51
CA PHE H 61 -13.46 16.89 -30.55
C PHE H 61 -13.90 16.12 -31.81
N HIS H 62 -12.93 15.51 -32.48
CA HIS H 62 -13.20 14.73 -33.67
C HIS H 62 -12.43 13.42 -33.58
N ARG H 63 -13.08 12.34 -33.97
CA ARG H 63 -12.44 11.04 -33.88
C ARG H 63 -12.88 10.17 -35.03
N ARG H 64 -11.92 9.54 -35.72
CA ARG H 64 -12.27 8.56 -36.76
C ARG H 64 -11.73 7.19 -36.37
N TYR H 65 -12.57 6.17 -36.51
CA TYR H 65 -12.13 4.79 -36.34
C TYR H 65 -12.29 4.07 -37.67
N ARG H 66 -11.22 3.46 -38.14
CA ARG H 66 -11.29 2.55 -39.24
C ARG H 66 -12.12 1.35 -38.82
N LEU H 67 -13.10 0.98 -39.64
CA LEU H 67 -13.84 -0.24 -39.42
C LEU H 67 -13.01 -1.40 -39.90
N PRO H 68 -13.06 -2.51 -39.16
CA PRO H 68 -12.31 -3.71 -39.54
C PRO H 68 -12.90 -4.35 -40.79
N PRO H 69 -12.09 -5.14 -41.51
CA PRO H 69 -12.54 -5.84 -42.71
C PRO H 69 -13.66 -6.85 -42.42
N GLY H 70 -14.56 -7.01 -43.38
CA GLY H 70 -15.66 -7.95 -43.25
C GLY H 70 -16.87 -7.29 -42.62
N VAL H 71 -16.61 -6.25 -41.83
CA VAL H 71 -17.66 -5.52 -41.13
C VAL H 71 -18.32 -4.53 -42.08
N ASP H 72 -19.64 -4.63 -42.21
CA ASP H 72 -20.37 -3.71 -43.09
C ASP H 72 -20.86 -2.50 -42.31
N PRO H 73 -20.69 -1.31 -42.90
CA PRO H 73 -21.18 -0.03 -42.37
C PRO H 73 -22.67 -0.04 -42.04
N ALA H 74 -23.42 -0.96 -42.61
CA ALA H 74 -24.85 -1.04 -42.33
C ALA H 74 -25.13 -1.39 -40.87
N ALA H 75 -24.25 -2.20 -40.28
CA ALA H 75 -24.50 -2.78 -38.95
C ALA H 75 -23.90 -1.99 -37.79
N VAL H 76 -23.51 -0.75 -38.02
CA VAL H 76 -22.93 0.07 -36.96
C VAL H 76 -24.03 0.70 -36.09
N THR H 77 -23.86 0.58 -34.77
CA THR H 77 -24.81 1.18 -33.84
C THR H 77 -24.03 1.96 -32.78
N SER H 78 -24.74 2.83 -32.08
CA SER H 78 -24.12 3.58 -31.00
C SER H 78 -25.13 3.72 -29.88
N ALA H 79 -24.61 3.99 -28.70
CA ALA H 79 -25.44 4.25 -27.55
C ALA H 79 -24.68 5.25 -26.74
N LEU H 80 -25.42 6.04 -25.96
CA LEU H 80 -24.84 7.07 -25.13
C LEU H 80 -25.40 6.95 -23.72
N SER H 81 -24.53 6.71 -22.75
CA SER H 81 -24.97 6.44 -21.38
C SER H 81 -25.35 7.73 -20.64
N PRO H 82 -26.19 7.61 -19.58
CA PRO H 82 -26.49 8.72 -18.65
C PRO H 82 -25.24 9.33 -18.07
N GLU H 83 -24.17 8.56 -18.02
CA GLU H 83 -22.90 9.04 -17.52
C GLU H 83 -22.09 9.75 -18.61
N GLY H 84 -22.63 9.81 -19.82
CA GLY H 84 -21.95 10.52 -20.89
C GLY H 84 -20.88 9.70 -21.58
N VAL H 85 -21.04 8.39 -21.58
CA VAL H 85 -20.11 7.52 -22.27
C VAL H 85 -20.72 7.03 -23.55
N LEU H 86 -20.02 7.25 -24.64
CA LEU H 86 -20.47 6.86 -25.95
C LEU H 86 -19.89 5.50 -26.36
N SER H 87 -20.76 4.61 -26.77
CA SER H 87 -20.34 3.30 -27.23
C SER H 87 -20.68 3.12 -28.71
N ILE H 88 -19.71 2.70 -29.50
CA ILE H 88 -19.96 2.36 -30.91
C ILE H 88 -19.54 0.91 -31.18
N GLN H 89 -20.37 0.17 -31.89
CA GLN H 89 -20.11 -1.24 -32.12
C GLN H 89 -20.57 -1.63 -33.51
N ALA H 90 -20.08 -2.77 -33.99
CA ALA H 90 -20.45 -3.27 -35.30
C ALA H 90 -20.23 -4.79 -35.39
N ALA H 91 -21.19 -5.51 -35.97
CA ALA H 91 -21.03 -6.95 -36.20
C ALA H 91 -20.13 -7.20 -37.41
C1 GOL I . 6.98 -8.61 12.74
O1 GOL I . 5.86 -8.45 11.91
C2 GOL I . 7.22 -10.09 13.03
O2 GOL I . 8.48 -10.50 12.53
C3 GOL I . 6.11 -10.97 12.48
O3 GOL I . 5.33 -11.40 13.57
C1 GOL J . -3.79 5.75 -15.53
O1 GOL J . -5.01 5.18 -15.95
C2 GOL J . -3.74 5.63 -14.02
O2 GOL J . -5.00 5.09 -13.63
C3 GOL J . -3.57 7.02 -13.42
O3 GOL J . -2.28 7.51 -13.75
#